data_8GRR
#
_entry.id   8GRR
#
_cell.length_a   1.00
_cell.length_b   1.00
_cell.length_c   1.00
_cell.angle_alpha   90.00
_cell.angle_beta   90.00
_cell.angle_gamma   90.00
#
_symmetry.space_group_name_H-M   'P 1'
#
loop_
_entity.id
_entity.type
_entity.pdbx_description
1 polymer 'A/WH/CHA/09 VP1'
2 polymer 'A/WH/CHA/09 VP2'
3 polymer 'A/WH/CHA/09 VP3'
4 polymer 'A/WH/CHA/09 VP4'
5 polymer 'IG HEAVY CHAIN VARIABLE REGION'
6 polymer 'IG LAMDA CHAIN VARIABLE REGION'
#
loop_
_entity_poly.entity_id
_entity_poly.type
_entity_poly.pdbx_seq_one_letter_code
_entity_poly.pdbx_strand_id
1 'polypeptide(L)'
;TTATGESADPVTTTVENYGGETQVQRRHHTDVSFIMDRFVQIKPVSPTHVIDLMQTHQHGLVGAMLRAATYYFSDLEIVV
NHTGRLTWVPNGAPEAALDNTSNPTAYHKAPFTRLALPYTAPHRVLATVYNGNSKYSAPATRRGDLGSLAARLAAQLPAS
FNYGAIRATEIQELLVRMKRAELYCPRPLLAVKVTSQDRHKQKIIAPAKQLL
;
1
2 'polypeptide(L)'
;DKKTEETTLLEDRILTTRNGHTTSTTQSSVGVTYGYSTGEDHVSGPNTSGLETRVVQAERFFKKHLFDWTTDKPFGHIEK
LELPTDHKGVYGQLVDSFAYMRNGWDVEVSAVGNQFNGGCLLVAMVPEFKEFTTREKYQLTLFPHQFISPRTNMTAHITV
PYLGVNRYDQYNKHKPWTLVVMVVSPLTTSSIGASQIKVYTNIAPTHVHVAGELPSKE
;
2
3 'polypeptide(L)'
;GIVPVACSDGYGGLVTTDPKTADPAYGMVYNPPRTNYPGRFTNLLDVAEACPTFLCFDDGKPYVVTRADEQRLLAKFDLS
LAAKHMSNTYLSGIAQYYAQYSGTINLHFMFTGSTDSKARYMVAYVPPGVTTPPDTPERAAHCIHAEWDTGLNSKFTFSI
PYVSAADYAYTASDVADTTNVQGWVCIYQITHGKAEQDTLVVSVSAGKDFELRLPIDPRAQ
;
3
4 'polypeptide(L)'
;GAGQSSPATGSQNQSGNTGSIINNYYMQQYQNSMDTQLGDNAISGGSNEGSTDTTSSHTTNTQNNDWFSKLASSAFTGLF
GALLA
;
4
5 'polypeptide(L)'
;QVQLRESGPSLVKPSQTLSLTCTVSGFSLSTYAVYWVRQAPGKALECLGSVSSGDYLTYNPALKSRLTITKDNSKSEVSL
SVSTVTPEDTATYYCAKSHSSGYNGWIDFGCYEFTGYGPRYVDAWGQGVQVTVSS
;
H
6 'polypeptide(L)'
;WAQAVLTQPSSVSGSLGQRVSITCSGSSSNVGLGNYVSWFQQIPGSAPRTLIYGATNQASGVPDRFSGSRSGNTATLTIS
SLQAEDEANYFCASPDSSQTIFGSGTTLTVLGDYKDDDDDKGG
;
L
#
# COMPACT_ATOMS: atom_id res chain seq x y z
N THR A 1 -8.50 26.90 -24.46
CA THR A 1 -9.67 26.26 -25.03
C THR A 1 -10.82 26.21 -24.03
N THR A 2 -10.51 26.36 -22.75
CA THR A 2 -11.51 26.46 -21.70
C THR A 2 -12.42 25.23 -21.68
N ALA A 3 -11.83 24.09 -21.36
CA ALA A 3 -12.63 22.89 -21.12
C ALA A 3 -13.36 23.01 -19.80
N THR A 4 -14.02 21.92 -19.38
CA THR A 4 -14.74 21.91 -18.09
C THR A 4 -13.72 21.91 -16.95
N GLY A 5 -12.56 21.28 -17.18
CA GLY A 5 -11.41 21.25 -16.27
C GLY A 5 -11.68 20.88 -14.81
N GLU A 6 -12.81 20.25 -14.48
CA GLU A 6 -12.98 19.89 -13.07
C GLU A 6 -13.66 18.56 -13.29
N SER A 7 -13.69 18.02 -14.48
CA SER A 7 -14.11 16.65 -14.71
C SER A 7 -12.90 15.77 -15.00
N ALA A 8 -11.70 16.34 -14.97
CA ALA A 8 -10.47 15.61 -15.22
C ALA A 8 -10.54 14.87 -16.55
N ASP A 9 -10.86 15.62 -17.60
CA ASP A 9 -10.81 15.11 -18.96
C ASP A 9 -9.48 15.54 -19.58
N PRO A 10 -8.72 14.60 -20.12
CA PRO A 10 -7.40 14.97 -20.63
C PRO A 10 -7.83 15.85 -21.77
N VAL A 11 -7.45 17.13 -21.71
CA VAL A 11 -7.70 18.08 -22.79
C VAL A 11 -6.26 18.51 -23.04
N THR A 12 -5.76 18.19 -24.23
CA THR A 12 -4.43 18.61 -24.66
C THR A 12 -4.58 19.54 -25.85
N THR A 13 -4.01 20.74 -25.73
CA THR A 13 -4.14 21.76 -26.75
C THR A 13 -2.83 21.90 -27.50
N THR A 14 -2.91 21.95 -28.82
CA THR A 14 -1.74 22.01 -29.66
C THR A 14 -1.42 23.46 -30.03
N VAL A 15 -0.27 23.66 -30.66
CA VAL A 15 0.11 25.00 -31.07
C VAL A 15 -0.75 25.49 -32.20
N GLU A 16 -1.47 24.60 -32.88
CA GLU A 16 -2.41 25.05 -33.90
C GLU A 16 -3.46 25.97 -33.31
N ASN A 17 -3.68 25.88 -32.00
CA ASN A 17 -4.65 26.75 -31.34
C ASN A 17 -4.55 28.21 -31.72
N TYR A 18 -3.33 28.73 -31.85
CA TYR A 18 -3.12 30.11 -32.28
C TYR A 18 -2.14 30.11 -33.46
N GLY A 19 -2.64 29.81 -34.63
CA GLY A 19 -1.94 29.97 -35.90
C GLY A 19 -0.57 29.35 -35.91
N GLY A 20 -0.39 28.26 -35.16
CA GLY A 20 0.86 27.54 -35.18
C GLY A 20 0.66 26.20 -35.88
N GLU A 21 1.70 25.39 -35.89
CA GLU A 21 1.64 24.04 -36.40
C GLU A 21 2.49 23.14 -35.53
N THR A 22 1.90 22.04 -35.07
CA THR A 22 2.60 21.11 -34.21
C THR A 22 3.38 20.11 -35.05
N GLN A 23 4.65 19.92 -34.71
CA GLN A 23 5.54 19.10 -35.52
C GLN A 23 5.28 17.62 -35.27
N VAL A 24 6.16 16.80 -35.83
CA VAL A 24 6.10 15.36 -35.60
C VAL A 24 6.89 15.03 -34.35
N GLN A 25 6.39 14.06 -33.58
CA GLN A 25 7.05 13.64 -32.35
C GLN A 25 7.56 12.23 -32.55
N ARG A 26 8.78 11.99 -32.10
CA ARG A 26 9.34 10.65 -32.09
C ARG A 26 9.74 10.31 -30.65
N ARG A 27 8.99 9.40 -30.05
CA ARG A 27 9.07 9.18 -28.63
C ARG A 27 9.59 7.75 -28.42
N HIS A 28 10.81 7.48 -28.83
CA HIS A 28 11.29 6.12 -28.83
C HIS A 28 12.02 6.13 -27.50
N HIS A 29 12.67 7.25 -27.17
CA HIS A 29 13.51 7.29 -25.99
C HIS A 29 12.72 7.43 -24.71
N THR A 30 11.44 7.74 -24.79
CA THR A 30 10.59 7.76 -23.61
C THR A 30 9.59 6.64 -23.62
N ASP A 31 9.80 5.63 -24.46
CA ASP A 31 9.03 4.40 -24.36
C ASP A 31 9.35 3.73 -23.04
N VAL A 32 8.42 2.91 -22.55
CA VAL A 32 8.62 2.31 -21.25
C VAL A 32 9.27 0.93 -21.34
N SER A 33 9.66 0.51 -22.54
CA SER A 33 10.51 -0.67 -22.65
C SER A 33 11.95 -0.26 -22.90
N PHE A 34 12.16 0.68 -23.81
CA PHE A 34 13.49 1.18 -24.09
C PHE A 34 14.08 1.93 -22.91
N ILE A 35 13.25 2.54 -22.07
CA ILE A 35 13.79 3.27 -20.92
C ILE A 35 14.05 2.35 -19.74
N MET A 36 13.61 1.09 -19.83
CA MET A 36 13.84 0.12 -18.77
C MET A 36 14.89 -0.90 -19.12
N ASP A 37 15.15 -1.15 -20.40
CA ASP A 37 16.05 -2.24 -20.77
C ASP A 37 17.51 -1.90 -20.52
N ARG A 38 17.80 -0.83 -19.78
CA ARG A 38 19.18 -0.54 -19.45
C ARG A 38 19.48 -0.98 -18.02
N PHE A 39 20.73 -1.36 -17.78
CA PHE A 39 21.10 -1.92 -16.50
C PHE A 39 20.98 -0.87 -15.41
N VAL A 40 21.03 -1.33 -14.16
CA VAL A 40 21.01 -0.44 -13.00
C VAL A 40 21.64 -1.20 -11.84
N GLN A 41 22.38 -0.48 -11.02
CA GLN A 41 23.19 -1.10 -9.99
C GLN A 41 22.38 -1.25 -8.72
N ILE A 42 22.41 -2.44 -8.14
CA ILE A 42 21.73 -2.73 -6.89
C ILE A 42 22.76 -2.72 -5.78
N LYS A 43 22.48 -1.94 -4.72
CA LYS A 43 23.36 -1.79 -3.57
C LYS A 43 22.51 -1.82 -2.32
N PRO A 44 23.03 -2.35 -1.21
CA PRO A 44 24.32 -3.05 -1.16
C PRO A 44 24.12 -4.55 -1.30
N VAL A 45 25.08 -5.21 -1.96
CA VAL A 45 24.97 -6.63 -2.24
C VAL A 45 25.79 -7.45 -1.25
N SER A 46 25.09 -8.23 -0.45
CA SER A 46 25.72 -9.18 0.46
C SER A 46 25.53 -10.58 -0.12
N PRO A 47 26.29 -11.58 0.34
CA PRO A 47 25.99 -12.95 -0.08
C PRO A 47 24.56 -13.31 0.29
N THR A 48 23.93 -14.12 -0.57
CA THR A 48 22.51 -14.45 -0.47
C THR A 48 21.65 -13.20 -0.65
N HIS A 49 22.05 -12.34 -1.58
CA HIS A 49 21.27 -11.15 -1.86
C HIS A 49 20.02 -11.52 -2.65
N VAL A 50 18.85 -11.28 -2.06
CA VAL A 50 17.61 -11.59 -2.75
C VAL A 50 17.40 -10.65 -3.91
N ILE A 51 17.38 -11.19 -5.12
CA ILE A 51 17.49 -10.36 -6.32
C ILE A 51 16.12 -9.85 -6.72
N ASP A 52 15.68 -8.78 -6.06
CA ASP A 52 14.41 -8.15 -6.37
C ASP A 52 14.65 -6.70 -6.72
N LEU A 53 13.81 -6.17 -7.61
CA LEU A 53 13.88 -4.74 -7.86
C LEU A 53 13.49 -3.99 -6.60
N MET A 54 13.53 -2.67 -6.67
CA MET A 54 13.27 -1.74 -5.58
C MET A 54 14.42 -1.75 -4.57
N GLN A 55 15.43 -2.58 -4.77
CA GLN A 55 16.71 -2.32 -4.11
C GLN A 55 17.44 -1.20 -4.83
N THR A 56 17.13 -1.01 -6.11
CA THR A 56 17.73 0.06 -6.89
C THR A 56 17.47 1.40 -6.21
N HIS A 57 18.47 2.27 -6.26
CA HIS A 57 18.34 3.56 -5.60
C HIS A 57 17.17 4.33 -6.18
N GLN A 58 16.43 5.02 -5.31
CA GLN A 58 15.20 5.69 -5.72
C GLN A 58 15.43 6.60 -6.90
N HIS A 59 16.57 7.28 -6.95
CA HIS A 59 16.71 8.40 -7.87
C HIS A 59 17.34 7.99 -9.19
N GLY A 60 17.98 6.82 -9.24
CA GLY A 60 18.52 6.34 -10.50
C GLY A 60 17.44 6.22 -11.56
N LEU A 61 17.86 6.08 -12.81
CA LEU A 61 16.88 6.07 -13.89
C LEU A 61 15.91 4.91 -13.76
N VAL A 62 16.42 3.67 -13.81
CA VAL A 62 15.54 2.52 -13.70
C VAL A 62 14.87 2.45 -12.35
N GLY A 63 15.45 3.05 -11.33
CA GLY A 63 14.82 3.05 -10.03
C GLY A 63 13.60 3.92 -9.98
N ALA A 64 13.76 5.21 -10.24
CA ALA A 64 12.62 6.12 -10.18
C ALA A 64 11.59 5.77 -11.24
N MET A 65 12.03 5.61 -12.50
CA MET A 65 11.09 5.35 -13.57
C MET A 65 10.29 4.08 -13.31
N LEU A 66 10.76 3.23 -12.39
CA LEU A 66 9.99 2.08 -11.95
C LEU A 66 9.06 2.43 -10.80
N ARG A 67 9.57 3.12 -9.79
CA ARG A 67 8.70 3.52 -8.70
C ARG A 67 7.60 4.45 -9.16
N ALA A 68 7.69 4.99 -10.36
CA ALA A 68 6.61 5.74 -10.96
C ALA A 68 5.46 4.86 -11.40
N ALA A 69 5.55 3.55 -11.22
CA ALA A 69 4.51 2.62 -11.63
C ALA A 69 4.28 1.64 -10.49
N THR A 70 3.01 1.42 -10.13
CA THR A 70 2.75 0.53 -9.02
C THR A 70 3.12 -0.90 -9.40
N TYR A 71 2.50 -1.44 -10.43
CA TYR A 71 2.65 -2.84 -10.79
C TYR A 71 3.54 -2.96 -12.01
N TYR A 72 4.60 -3.75 -11.90
CA TYR A 72 5.55 -3.96 -12.98
C TYR A 72 5.68 -5.44 -13.28
N PHE A 73 6.19 -5.74 -14.46
CA PHE A 73 6.47 -7.11 -14.85
C PHE A 73 7.61 -7.10 -15.86
N SER A 74 8.60 -7.97 -15.66
CA SER A 74 9.78 -7.88 -16.49
C SER A 74 10.48 -9.22 -16.41
N ASP A 75 11.44 -9.42 -17.29
CA ASP A 75 12.34 -10.56 -17.19
C ASP A 75 13.65 -9.85 -16.92
N LEU A 76 14.47 -10.43 -16.05
CA LEU A 76 15.75 -9.83 -15.71
C LEU A 76 16.86 -10.35 -16.59
N GLU A 77 17.94 -9.59 -16.67
CA GLU A 77 19.22 -10.08 -17.14
C GLU A 77 20.26 -9.67 -16.12
N ILE A 78 20.49 -10.51 -15.15
CA ILE A 78 21.32 -10.19 -14.00
C ILE A 78 22.77 -10.19 -14.42
N VAL A 79 23.56 -9.31 -13.81
CA VAL A 79 25.00 -9.25 -14.06
C VAL A 79 25.68 -9.20 -12.70
N VAL A 80 26.43 -10.24 -12.39
CA VAL A 80 27.02 -10.37 -11.06
C VAL A 80 28.53 -10.38 -11.21
N ASN A 81 29.21 -9.77 -10.25
CA ASN A 81 30.66 -9.87 -10.15
C ASN A 81 31.02 -10.51 -8.82
N HIS A 82 31.22 -11.83 -8.86
CA HIS A 82 31.31 -12.62 -7.65
C HIS A 82 32.73 -13.14 -7.52
N THR A 83 32.94 -14.02 -6.56
CA THR A 83 34.23 -14.65 -6.38
C THR A 83 34.17 -16.16 -6.29
N GLY A 84 32.98 -16.75 -6.39
CA GLY A 84 32.87 -18.20 -6.41
C GLY A 84 31.69 -18.61 -7.27
N ARG A 85 31.34 -19.88 -7.15
CA ARG A 85 30.14 -20.39 -7.81
C ARG A 85 28.93 -19.60 -7.35
N LEU A 86 28.15 -19.09 -8.30
CA LEU A 86 27.03 -18.21 -8.01
C LEU A 86 25.71 -18.91 -8.32
N THR A 87 24.89 -19.11 -7.30
CA THR A 87 23.68 -19.91 -7.40
C THR A 87 22.45 -19.02 -7.34
N TRP A 88 21.52 -19.22 -8.27
CA TRP A 88 20.26 -18.48 -8.29
C TRP A 88 19.11 -19.45 -8.18
N VAL A 89 18.16 -19.15 -7.29
CA VAL A 89 17.03 -20.04 -7.06
C VAL A 89 15.75 -19.30 -7.43
N PRO A 90 14.76 -20.02 -7.94
CA PRO A 90 13.45 -19.42 -8.18
C PRO A 90 12.91 -18.78 -6.92
N ASN A 91 11.91 -17.93 -7.09
CA ASN A 91 11.58 -17.05 -6.05
C ASN A 91 11.07 -17.83 -4.81
N GLY A 92 10.54 -18.99 -4.96
CA GLY A 92 10.18 -19.80 -3.86
C GLY A 92 11.02 -20.75 -3.12
N ALA A 93 12.25 -20.84 -3.48
CA ALA A 93 13.11 -21.89 -2.95
C ALA A 93 13.55 -21.56 -1.54
N PRO A 94 13.67 -22.53 -0.67
CA PRO A 94 14.18 -22.27 0.67
C PRO A 94 15.63 -21.86 0.60
N GLU A 95 16.04 -21.03 1.57
CA GLU A 95 17.42 -20.56 1.60
C GLU A 95 18.40 -21.71 1.60
N ALA A 96 18.00 -22.86 2.13
CA ALA A 96 18.90 -24.00 2.14
C ALA A 96 19.27 -24.43 0.72
N ALA A 97 18.39 -24.20 -0.24
CA ALA A 97 18.62 -24.64 -1.60
C ALA A 97 19.62 -23.79 -2.35
N LEU A 98 20.17 -22.75 -1.73
CA LEU A 98 21.17 -21.96 -2.41
C LEU A 98 22.58 -22.50 -2.46
N ASP A 99 22.79 -23.71 -1.94
CA ASP A 99 24.11 -24.30 -1.91
C ASP A 99 24.18 -25.64 -2.63
N ASN A 100 23.15 -26.01 -3.39
CA ASN A 100 23.01 -27.40 -3.77
C ASN A 100 23.38 -27.64 -5.24
N THR A 101 23.64 -26.57 -5.99
CA THR A 101 24.43 -26.67 -7.22
C THR A 101 23.68 -27.35 -8.38
N SER A 102 22.49 -27.90 -8.13
CA SER A 102 21.71 -28.44 -9.24
C SER A 102 20.79 -27.38 -9.82
N ASN A 103 20.38 -26.42 -9.01
CA ASN A 103 19.69 -25.25 -9.50
C ASN A 103 20.70 -24.35 -10.22
N PRO A 104 20.25 -23.37 -11.01
CA PRO A 104 21.20 -22.59 -11.83
C PRO A 104 22.36 -22.02 -11.06
N THR A 105 23.58 -22.52 -11.32
CA THR A 105 24.77 -21.91 -10.78
C THR A 105 25.67 -21.55 -11.94
N ALA A 106 26.41 -20.46 -11.80
CA ALA A 106 27.33 -20.00 -12.82
C ALA A 106 28.73 -20.02 -12.24
N TYR A 107 29.63 -20.73 -12.90
CA TYR A 107 30.99 -20.81 -12.39
C TYR A 107 31.76 -19.56 -12.78
N HIS A 108 32.83 -19.29 -12.04
CA HIS A 108 33.47 -17.98 -12.09
C HIS A 108 33.95 -17.96 -13.52
N LYS A 109 33.57 -16.93 -14.27
CA LYS A 109 34.25 -16.65 -15.51
C LYS A 109 35.20 -15.54 -15.06
N ALA A 110 36.18 -15.22 -15.89
CA ALA A 110 37.19 -14.25 -15.49
C ALA A 110 36.58 -12.87 -15.22
N PRO A 111 35.82 -12.26 -16.11
CA PRO A 111 35.11 -11.03 -15.73
C PRO A 111 33.79 -11.36 -15.05
N PHE A 112 32.97 -10.35 -14.83
CA PHE A 112 31.63 -10.57 -14.30
C PHE A 112 30.87 -11.59 -15.14
N THR A 113 29.86 -12.21 -14.53
CA THR A 113 29.08 -13.21 -15.24
C THR A 113 27.66 -12.71 -15.49
N ARG A 114 27.21 -12.78 -16.74
CA ARG A 114 25.91 -12.28 -17.12
C ARG A 114 24.94 -13.44 -17.28
N LEU A 115 23.80 -13.35 -16.60
CA LEU A 115 22.80 -14.39 -16.61
C LEU A 115 21.45 -13.75 -16.88
N ALA A 116 20.60 -14.47 -17.60
CA ALA A 116 19.29 -13.97 -17.97
C ALA A 116 18.20 -14.80 -17.32
N LEU A 117 17.86 -14.48 -16.08
CA LEU A 117 16.92 -15.28 -15.31
C LEU A 117 15.50 -14.77 -15.57
N PRO A 118 14.54 -15.65 -15.81
CA PRO A 118 13.19 -15.23 -16.17
C PRO A 118 12.43 -14.72 -14.95
N TYR A 119 11.20 -14.31 -15.20
CA TYR A 119 10.32 -13.80 -14.15
C TYR A 119 9.67 -14.99 -13.47
N THR A 120 10.06 -15.24 -12.22
CA THR A 120 9.62 -16.44 -11.53
C THR A 120 8.64 -16.19 -10.41
N ALA A 121 8.24 -14.95 -10.17
CA ALA A 121 7.30 -14.69 -9.09
C ALA A 121 5.93 -15.28 -9.41
N PRO A 122 5.17 -15.72 -8.41
CA PRO A 122 3.88 -16.34 -8.71
C PRO A 122 2.79 -15.33 -8.98
N HIS A 123 2.87 -14.15 -8.38
CA HIS A 123 1.83 -13.15 -8.55
C HIS A 123 1.70 -12.75 -10.01
N ARG A 124 0.48 -12.35 -10.38
CA ARG A 124 0.20 -11.96 -11.76
C ARG A 124 1.21 -10.92 -12.24
N VAL A 125 1.23 -9.77 -11.57
CA VAL A 125 2.24 -8.76 -11.80
C VAL A 125 2.66 -8.21 -10.44
N LEU A 126 3.93 -7.90 -10.30
CA LEU A 126 4.46 -7.50 -9.01
C LEU A 126 3.92 -6.13 -8.62
N ALA A 127 4.44 -5.59 -7.53
CA ALA A 127 3.99 -4.28 -7.08
C ALA A 127 5.18 -3.52 -6.51
N THR A 128 5.07 -2.20 -6.51
CA THR A 128 6.09 -1.37 -5.90
C THR A 128 5.70 -0.89 -4.52
N VAL A 129 4.40 -0.80 -4.24
CA VAL A 129 3.92 -0.49 -2.90
C VAL A 129 2.79 -1.44 -2.59
N TYR A 130 2.86 -2.11 -1.46
CA TYR A 130 1.83 -3.03 -1.02
C TYR A 130 1.08 -2.40 0.14
N ASN A 131 -0.24 -2.47 0.10
CA ASN A 131 -1.10 -1.90 1.12
C ASN A 131 -1.57 -3.01 2.04
N GLY A 132 -1.07 -3.02 3.27
CA GLY A 132 -1.43 -4.05 4.21
C GLY A 132 -0.45 -5.21 4.21
N ASN A 133 -0.33 -5.84 5.38
CA ASN A 133 0.67 -6.87 5.58
C ASN A 133 0.25 -8.17 4.91
N SER A 134 1.00 -9.23 5.19
CA SER A 134 0.70 -10.54 4.64
C SER A 134 1.41 -11.64 5.43
N ALA A 155 2.99 -3.02 6.52
CA ALA A 155 2.68 -2.40 5.24
C ALA A 155 3.80 -2.62 4.24
N GLN A 156 4.84 -3.33 4.69
CA GLN A 156 6.03 -3.64 3.84
C GLN A 156 5.61 -4.67 2.77
N LEU A 157 6.20 -4.57 1.57
CA LEU A 157 5.88 -5.50 0.46
C LEU A 157 6.28 -6.92 0.87
N PRO A 158 5.49 -7.95 0.49
CA PRO A 158 5.78 -9.35 0.86
C PRO A 158 7.01 -9.95 0.18
N ALA A 159 7.51 -11.06 0.75
CA ALA A 159 8.71 -11.80 0.28
C ALA A 159 8.50 -12.33 -1.14
N SER A 160 7.27 -12.72 -1.48
CA SER A 160 6.94 -13.33 -2.81
C SER A 160 7.24 -12.40 -4.00
N PHE A 161 7.17 -11.08 -3.82
CA PHE A 161 7.41 -10.12 -4.93
C PHE A 161 8.80 -10.28 -5.52
N ASN A 162 9.81 -10.52 -4.67
CA ASN A 162 11.24 -10.69 -5.11
C ASN A 162 11.32 -11.61 -6.32
N TYR A 163 12.04 -11.18 -7.37
CA TYR A 163 12.20 -11.99 -8.61
C TYR A 163 12.96 -13.30 -8.34
N GLY A 164 14.08 -13.21 -7.63
CA GLY A 164 14.90 -14.41 -7.33
C GLY A 164 15.93 -14.14 -6.25
N ALA A 165 16.55 -15.21 -5.72
CA ALA A 165 17.60 -15.05 -4.68
C ALA A 165 18.91 -15.68 -5.20
N ILE A 166 20.01 -14.92 -5.16
CA ILE A 166 21.33 -15.43 -5.63
C ILE A 166 22.26 -15.57 -4.42
N ARG A 167 23.40 -16.25 -4.59
CA ARG A 167 24.33 -16.46 -3.49
C ARG A 167 25.67 -16.87 -4.03
N ALA A 168 26.73 -16.26 -3.53
CA ALA A 168 28.08 -16.60 -3.90
C ALA A 168 28.98 -16.46 -2.68
N THR A 169 30.26 -16.76 -2.86
CA THR A 169 31.19 -16.60 -1.76
C THR A 169 31.27 -15.15 -1.32
N GLU A 170 31.25 -14.21 -2.26
CA GLU A 170 31.20 -12.78 -1.96
C GLU A 170 30.72 -12.22 -3.30
N ILE A 171 29.93 -11.15 -3.25
CA ILE A 171 29.41 -10.52 -4.43
C ILE A 171 29.90 -9.10 -4.34
N GLN A 172 30.74 -8.71 -5.31
CA GLN A 172 31.26 -7.35 -5.31
C GLN A 172 30.23 -6.36 -5.82
N GLU A 173 29.80 -6.52 -7.06
CA GLU A 173 28.84 -5.63 -7.68
C GLU A 173 27.73 -6.46 -8.32
N LEU A 174 26.62 -5.80 -8.62
CA LEU A 174 25.48 -6.51 -9.19
C LEU A 174 24.62 -5.51 -9.94
N LEU A 175 24.40 -5.76 -11.22
CA LEU A 175 23.55 -4.93 -12.05
C LEU A 175 22.31 -5.71 -12.41
N VAL A 176 21.22 -5.01 -12.66
CA VAL A 176 19.96 -5.63 -12.99
C VAL A 176 19.34 -4.89 -14.16
N ARG A 177 18.74 -5.65 -15.07
CA ARG A 177 18.19 -5.10 -16.29
C ARG A 177 16.83 -5.73 -16.53
N MET A 178 15.79 -4.92 -16.62
CA MET A 178 14.44 -5.42 -16.79
C MET A 178 14.11 -5.51 -18.27
N LYS A 179 14.27 -6.69 -18.85
CA LYS A 179 13.93 -6.92 -20.25
C LYS A 179 12.43 -7.07 -20.40
N ARG A 180 11.94 -6.72 -21.59
CA ARG A 180 10.52 -6.68 -21.94
C ARG A 180 9.67 -6.20 -20.77
N ALA A 181 10.14 -5.15 -20.10
CA ALA A 181 9.40 -4.60 -18.98
C ALA A 181 8.13 -3.94 -19.45
N GLU A 182 7.06 -4.16 -18.70
CA GLU A 182 5.81 -3.46 -18.93
C GLU A 182 5.27 -2.99 -17.59
N LEU A 183 4.98 -1.70 -17.49
CA LEU A 183 4.56 -1.09 -16.23
C LEU A 183 3.05 -0.86 -16.26
N TYR A 184 2.49 -0.57 -15.10
CA TYR A 184 1.07 -0.27 -14.96
C TYR A 184 0.85 0.79 -13.90
N CYS A 185 -0.31 1.45 -13.95
CA CYS A 185 -0.78 2.31 -12.89
C CYS A 185 0.26 3.34 -12.45
N PRO A 186 0.48 4.41 -13.22
CA PRO A 186 1.57 5.33 -12.92
C PRO A 186 1.49 5.95 -11.56
N ARG A 187 2.60 6.50 -11.10
CA ARG A 187 2.74 7.07 -9.77
C ARG A 187 3.60 8.32 -9.87
N PRO A 188 3.66 9.15 -8.85
CA PRO A 188 4.45 10.38 -8.93
C PRO A 188 5.94 10.09 -9.13
N LEU A 189 6.55 10.85 -10.03
CA LEU A 189 7.94 10.66 -10.42
C LEU A 189 8.94 11.51 -9.65
N LEU A 190 8.53 12.66 -9.13
CA LEU A 190 9.29 13.37 -8.10
C LEU A 190 10.66 13.85 -8.58
N ALA A 191 10.66 14.81 -9.50
CA ALA A 191 11.88 15.50 -9.89
C ALA A 191 12.59 16.22 -8.74
N VAL A 192 13.90 16.44 -8.86
CA VAL A 192 14.66 17.00 -7.75
C VAL A 192 14.07 18.29 -7.18
N LYS A 193 14.17 18.43 -5.86
CA LYS A 193 13.69 19.62 -5.19
C LYS A 193 14.69 20.75 -5.38
N VAL A 194 14.16 21.94 -5.63
CA VAL A 194 14.97 23.14 -5.78
C VAL A 194 14.31 24.26 -4.99
N THR A 195 15.13 25.08 -4.34
CA THR A 195 14.63 26.21 -3.56
C THR A 195 15.54 27.42 -3.77
N SER A 196 14.96 28.59 -3.55
CA SER A 196 15.70 29.86 -3.57
C SER A 196 16.36 30.11 -4.92
N GLN A 197 15.78 29.55 -5.97
CA GLN A 197 16.26 29.77 -7.33
C GLN A 197 15.05 29.61 -8.24
N ASP A 198 15.21 30.02 -9.49
CA ASP A 198 14.23 29.71 -10.53
C ASP A 198 14.44 28.45 -11.36
N ARG A 199 15.68 28.04 -11.60
CA ARG A 199 15.98 26.79 -12.24
C ARG A 199 16.87 25.99 -11.31
N HIS A 200 17.12 24.74 -11.66
CA HIS A 200 17.99 23.95 -10.82
C HIS A 200 19.48 24.30 -10.83
N LYS A 201 19.99 24.79 -11.96
CA LYS A 201 21.34 25.34 -12.02
C LYS A 201 22.40 24.32 -11.60
N GLN A 202 22.54 23.27 -12.40
CA GLN A 202 23.56 22.27 -12.14
C GLN A 202 24.68 22.38 -13.18
N LYS A 203 25.87 21.94 -12.79
CA LYS A 203 27.01 22.01 -13.70
C LYS A 203 26.80 21.03 -14.85
N ILE A 204 26.68 21.56 -16.05
CA ILE A 204 26.36 20.77 -17.23
C ILE A 204 27.65 20.42 -17.95
N ILE A 205 27.58 19.46 -18.86
CA ILE A 205 28.77 18.82 -19.42
C ILE A 205 29.63 19.79 -20.21
N ARG B 13 -26.75 19.45 -15.84
CA ARG B 13 -26.42 18.14 -16.41
C ARG B 13 -26.49 17.03 -15.36
N ILE B 14 -27.70 16.53 -15.11
CA ILE B 14 -27.91 15.55 -14.06
C ILE B 14 -27.36 14.22 -14.54
N LEU B 15 -27.17 13.27 -13.62
CA LEU B 15 -26.61 11.97 -13.96
C LEU B 15 -27.29 11.22 -12.82
N THR B 16 -27.88 10.07 -13.13
CA THR B 16 -28.68 9.31 -12.18
C THR B 16 -28.04 7.95 -12.32
N THR B 17 -27.13 7.61 -11.42
CA THR B 17 -26.49 6.30 -11.48
C THR B 17 -27.40 5.28 -10.81
N ARG B 18 -26.92 4.05 -10.73
CA ARG B 18 -27.68 2.98 -10.10
C ARG B 18 -26.70 1.86 -9.78
N ASN B 19 -26.91 1.20 -8.65
CA ASN B 19 -26.13 0.02 -8.31
C ASN B 19 -27.07 -0.84 -7.51
N GLY B 20 -27.31 -2.06 -7.97
CA GLY B 20 -28.27 -2.92 -7.32
C GLY B 20 -29.63 -2.25 -7.26
N HIS B 21 -30.11 -2.00 -6.05
CA HIS B 21 -31.41 -1.37 -5.88
C HIS B 21 -31.34 0.04 -5.31
N THR B 22 -30.16 0.61 -5.14
CA THR B 22 -30.03 1.97 -4.65
C THR B 22 -29.47 2.87 -5.74
N THR B 23 -29.98 4.10 -5.80
CA THR B 23 -29.58 5.04 -6.83
C THR B 23 -29.15 6.35 -6.20
N SER B 24 -28.25 7.05 -6.88
CA SER B 24 -27.74 8.33 -6.40
C SER B 24 -27.70 9.32 -7.55
N THR B 25 -28.64 10.26 -7.58
CA THR B 25 -28.74 11.23 -8.66
C THR B 25 -28.23 12.56 -8.19
N THR B 26 -27.31 13.14 -8.96
CA THR B 26 -26.75 14.46 -8.66
C THR B 26 -26.98 15.36 -9.85
N GLN B 27 -27.64 16.50 -9.63
CA GLN B 27 -27.95 17.39 -10.72
C GLN B 27 -26.79 18.32 -11.02
N SER B 28 -25.69 18.17 -10.29
CA SER B 28 -24.49 18.95 -10.56
C SER B 28 -23.31 18.11 -11.01
N SER B 29 -23.53 16.82 -11.30
CA SER B 29 -22.42 15.97 -11.69
C SER B 29 -21.81 16.44 -12.99
N VAL B 30 -20.48 16.37 -13.06
CA VAL B 30 -19.75 16.86 -14.22
C VAL B 30 -19.32 15.73 -15.14
N GLY B 31 -19.34 14.50 -14.69
CA GLY B 31 -19.06 13.38 -15.56
C GLY B 31 -18.41 12.23 -14.82
N VAL B 32 -18.77 11.00 -15.18
CA VAL B 32 -18.11 9.85 -14.59
C VAL B 32 -16.73 9.71 -15.22
N THR B 33 -15.72 9.40 -14.39
CA THR B 33 -14.38 9.17 -14.90
C THR B 33 -13.95 7.77 -14.54
N TYR B 34 -13.66 6.97 -15.56
CA TYR B 34 -13.21 5.61 -15.33
C TYR B 34 -11.71 5.60 -15.07
N GLY B 35 -11.30 4.79 -14.12
CA GLY B 35 -9.90 4.74 -13.77
C GLY B 35 -9.21 3.52 -14.35
N TYR B 36 -8.19 3.75 -15.15
CA TYR B 36 -7.29 2.68 -15.56
C TYR B 36 -7.94 1.67 -16.49
N SER B 37 -9.26 1.71 -16.62
CA SER B 37 -9.98 0.76 -17.46
C SER B 37 -11.43 1.21 -17.50
N THR B 38 -12.19 0.57 -18.38
CA THR B 38 -13.63 0.76 -18.40
C THR B 38 -14.37 -0.45 -17.87
N GLY B 39 -13.88 -1.66 -18.16
CA GLY B 39 -14.51 -2.86 -17.66
C GLY B 39 -13.47 -3.78 -17.06
N GLU B 40 -13.86 -4.43 -15.97
CA GLU B 40 -12.93 -5.23 -15.20
C GLU B 40 -12.37 -6.37 -16.05
N ASP B 41 -11.14 -6.79 -15.72
CA ASP B 41 -10.48 -7.85 -16.46
C ASP B 41 -11.16 -9.18 -16.20
N HIS B 42 -10.61 -10.25 -16.76
CA HIS B 42 -11.28 -11.55 -16.69
C HIS B 42 -11.30 -12.05 -15.26
N VAL B 43 -12.35 -12.78 -14.93
CA VAL B 43 -12.63 -13.18 -13.55
C VAL B 43 -12.31 -14.63 -13.19
N SER B 44 -12.61 -15.57 -14.07
CA SER B 44 -12.29 -16.96 -13.81
C SER B 44 -10.86 -17.09 -14.32
N GLY B 45 -9.96 -17.51 -13.44
CA GLY B 45 -8.57 -17.55 -13.78
C GLY B 45 -7.90 -18.85 -13.38
N PRO B 46 -6.59 -18.92 -13.53
CA PRO B 46 -5.87 -20.11 -13.09
C PRO B 46 -6.13 -20.47 -11.64
N ASN B 47 -6.31 -19.48 -10.77
CA ASN B 47 -6.67 -19.79 -9.40
C ASN B 47 -8.18 -19.86 -9.28
N THR B 48 -8.66 -20.47 -8.21
CA THR B 48 -10.05 -20.75 -7.88
C THR B 48 -10.63 -21.82 -8.78
N SER B 49 -9.92 -22.23 -9.83
CA SER B 49 -10.35 -23.32 -10.71
C SER B 49 -11.83 -23.28 -11.02
N GLY B 50 -12.39 -22.08 -11.13
CA GLY B 50 -13.80 -21.93 -11.43
C GLY B 50 -14.72 -22.03 -10.23
N LEU B 51 -14.19 -21.84 -9.03
CA LEU B 51 -15.02 -21.82 -7.83
C LEU B 51 -15.55 -20.44 -7.50
N GLU B 52 -15.49 -19.48 -8.42
CA GLU B 52 -15.95 -18.14 -8.12
C GLU B 52 -17.42 -18.01 -8.47
N THR B 53 -18.18 -17.37 -7.58
CA THR B 53 -19.57 -17.11 -7.84
C THR B 53 -19.83 -15.62 -7.67
N ARG B 54 -20.33 -14.99 -8.73
CA ARG B 54 -20.56 -13.55 -8.72
C ARG B 54 -21.72 -13.26 -7.78
N VAL B 55 -21.46 -12.51 -6.72
CA VAL B 55 -22.50 -12.07 -5.82
C VAL B 55 -22.99 -10.74 -6.36
N VAL B 56 -24.30 -10.52 -6.32
CA VAL B 56 -24.87 -9.24 -6.74
C VAL B 56 -25.63 -8.58 -5.61
N GLN B 57 -25.89 -9.29 -4.52
CA GLN B 57 -26.55 -8.67 -3.37
C GLN B 57 -25.64 -7.65 -2.71
N ALA B 58 -24.39 -7.56 -3.15
CA ALA B 58 -23.45 -6.65 -2.51
C ALA B 58 -23.20 -5.39 -3.30
N GLU B 59 -23.69 -5.28 -4.53
CA GLU B 59 -23.47 -4.08 -5.32
C GLU B 59 -24.56 -3.25 -4.65
N ARG B 60 -24.15 -2.29 -3.82
CA ARG B 60 -25.09 -1.43 -3.14
C ARG B 60 -24.21 -0.28 -2.71
N PHE B 61 -24.75 0.92 -2.81
CA PHE B 61 -24.09 2.10 -2.28
C PHE B 61 -24.05 1.99 -0.76
N PHE B 62 -22.94 2.40 -0.16
CA PHE B 62 -22.90 2.56 1.28
C PHE B 62 -22.25 3.89 1.61
N LYS B 63 -22.98 4.76 2.28
CA LYS B 63 -22.46 6.06 2.61
C LYS B 63 -21.32 5.93 3.62
N LYS B 64 -20.48 6.94 3.68
CA LYS B 64 -19.40 6.97 4.68
C LYS B 64 -19.22 8.47 4.79
N HIS B 65 -18.78 8.93 5.95
CA HIS B 65 -18.58 10.35 6.19
C HIS B 65 -17.07 10.45 6.05
N LEU B 66 -16.61 11.61 5.61
CA LEU B 66 -15.18 11.90 5.55
C LEU B 66 -14.90 13.21 6.28
N PHE B 67 -13.68 13.70 6.12
CA PHE B 67 -13.27 14.95 6.74
C PHE B 67 -14.24 16.05 6.38
N ASP B 68 -14.61 16.87 7.37
CA ASP B 68 -15.49 18.02 7.11
C ASP B 68 -14.62 19.09 6.43
N TRP B 69 -14.80 19.29 5.12
CA TRP B 69 -13.94 20.23 4.33
C TRP B 69 -14.22 21.41 5.25
N THR B 70 -13.16 22.08 5.72
CA THR B 70 -13.30 23.28 6.61
C THR B 70 -12.21 24.09 5.90
N THR B 71 -12.27 25.42 6.04
CA THR B 71 -11.28 26.36 5.42
C THR B 71 -9.90 26.26 6.07
N ASP B 72 -9.83 25.79 7.32
CA ASP B 72 -8.56 25.73 8.09
C ASP B 72 -7.61 24.82 7.35
N LYS B 73 -8.13 23.68 6.93
CA LYS B 73 -7.30 22.73 6.18
C LYS B 73 -6.81 23.48 4.93
N PRO B 74 -5.35 23.65 4.71
CA PRO B 74 -4.45 24.16 3.67
C PRO B 74 -4.28 23.14 2.54
N PHE B 75 -3.57 23.54 1.48
CA PHE B 75 -3.30 22.62 0.34
C PHE B 75 -2.48 21.42 0.84
N GLY B 76 -2.81 20.21 0.36
CA GLY B 76 -2.05 19.01 0.75
C GLY B 76 -2.65 18.29 1.94
N HIS B 77 -3.81 18.72 2.44
CA HIS B 77 -4.44 18.03 3.59
C HIS B 77 -5.25 16.84 3.07
N ILE B 78 -4.55 15.77 2.67
CA ILE B 78 -5.19 14.55 2.08
C ILE B 78 -5.94 13.76 3.16
N GLU B 79 -7.17 13.35 2.86
CA GLU B 79 -7.98 12.49 3.77
C GLU B 79 -8.12 11.15 3.04
N LYS B 80 -7.72 10.04 3.69
CA LYS B 80 -7.72 8.73 3.00
C LYS B 80 -8.68 7.74 3.65
N LEU B 81 -9.53 7.12 2.83
CA LEU B 81 -10.47 6.06 3.26
C LEU B 81 -10.03 4.79 2.53
N GLU B 82 -9.76 3.69 3.25
CA GLU B 82 -9.28 2.45 2.60
C GLU B 82 -10.47 1.58 2.21
N LEU B 83 -10.53 1.17 0.94
CA LEU B 83 -11.65 0.31 0.43
C LEU B 83 -11.14 -1.12 0.26
N PRO B 84 -11.82 -2.14 0.83
CA PRO B 84 -13.14 -1.94 1.44
C PRO B 84 -13.05 -1.54 2.91
N THR B 85 -13.84 -0.53 3.29
CA THR B 85 -13.93 -0.03 4.70
C THR B 85 -14.86 -0.96 5.49
N ASP B 86 -14.86 -0.85 6.82
CA ASP B 86 -15.73 -1.73 7.64
C ASP B 86 -17.17 -1.53 7.17
N HIS B 87 -17.84 -2.65 6.86
CA HIS B 87 -19.22 -2.61 6.30
C HIS B 87 -20.17 -3.42 7.18
N LYS B 88 -21.28 -2.82 7.60
CA LYS B 88 -22.30 -3.53 8.43
C LYS B 88 -23.37 -4.12 7.50
N GLY B 89 -23.23 -3.87 6.19
CA GLY B 89 -24.17 -4.33 5.14
C GLY B 89 -23.89 -5.74 4.67
N VAL B 90 -24.58 -6.17 3.62
CA VAL B 90 -24.44 -7.54 3.05
C VAL B 90 -22.99 -7.75 2.58
N TYR B 91 -22.39 -6.73 1.96
CA TYR B 91 -21.00 -6.83 1.46
C TYR B 91 -20.06 -7.09 2.64
N GLY B 92 -20.27 -6.40 3.76
CA GLY B 92 -19.41 -6.58 4.95
C GLY B 92 -19.49 -8.01 5.45
N GLN B 93 -20.70 -8.57 5.48
CA GLN B 93 -20.90 -9.99 5.91
C GLN B 93 -20.19 -10.90 4.90
N LEU B 94 -20.30 -10.55 3.61
CA LEU B 94 -19.72 -11.37 2.50
C LEU B 94 -18.19 -11.46 2.65
N VAL B 95 -17.52 -10.34 2.93
CA VAL B 95 -16.03 -10.38 3.06
C VAL B 95 -15.64 -11.25 4.26
N ASP B 96 -16.41 -11.20 5.35
CA ASP B 96 -16.13 -12.01 6.55
C ASP B 96 -16.31 -13.51 6.22
N SER B 97 -17.36 -13.86 5.47
CA SER B 97 -17.66 -15.28 5.17
C SER B 97 -16.93 -15.81 3.92
N PHE B 98 -16.31 -14.95 3.11
CA PHE B 98 -15.61 -15.44 1.89
C PHE B 98 -14.12 -15.11 1.97
N ALA B 99 -13.26 -16.13 1.76
CA ALA B 99 -11.80 -15.93 1.87
C ALA B 99 -11.29 -14.92 0.83
N TYR B 100 -11.71 -15.04 -0.44
CA TYR B 100 -11.20 -14.13 -1.49
C TYR B 100 -12.34 -13.50 -2.30
N MET B 101 -12.29 -12.19 -2.53
CA MET B 101 -13.32 -11.51 -3.36
C MET B 101 -12.69 -10.34 -4.13
N ARG B 102 -13.24 -10.00 -5.30
CA ARG B 102 -12.75 -8.87 -6.14
C ARG B 102 -13.95 -8.04 -6.58
N ASN B 103 -13.89 -6.70 -6.47
CA ASN B 103 -15.03 -5.85 -6.89
C ASN B 103 -14.56 -4.49 -7.39
N GLY B 104 -15.27 -3.91 -8.37
CA GLY B 104 -14.94 -2.57 -8.89
C GLY B 104 -15.27 -1.53 -7.82
N TRP B 105 -14.34 -0.61 -7.54
CA TRP B 105 -14.56 0.36 -6.43
C TRP B 105 -15.66 1.41 -6.62
N ASP B 106 -15.85 1.98 -7.82
CA ASP B 106 -16.99 2.89 -8.15
C ASP B 106 -17.21 3.97 -7.08
N VAL B 107 -16.15 4.65 -6.63
CA VAL B 107 -16.31 5.65 -5.52
C VAL B 107 -17.07 6.89 -6.00
N GLU B 108 -18.04 7.34 -5.20
CA GLU B 108 -18.77 8.60 -5.48
C GLU B 108 -18.67 9.48 -4.23
N VAL B 109 -18.13 10.70 -4.38
CA VAL B 109 -17.97 11.61 -3.21
C VAL B 109 -18.71 12.91 -3.52
N SER B 110 -19.58 13.36 -2.60
CA SER B 110 -20.33 14.62 -2.84
C SER B 110 -20.08 15.61 -1.69
N ALA B 111 -19.60 16.81 -2.03
CA ALA B 111 -19.40 17.89 -1.04
C ALA B 111 -20.40 18.99 -1.37
N VAL B 112 -21.30 19.33 -0.46
CA VAL B 112 -22.36 20.33 -0.78
C VAL B 112 -21.98 21.71 -0.23
N GLY B 113 -21.94 22.69 -1.13
CA GLY B 113 -21.60 24.10 -0.81
C GLY B 113 -22.64 25.04 -1.40
N ASN B 114 -22.69 26.28 -0.93
CA ASN B 114 -23.68 27.30 -1.41
C ASN B 114 -23.35 27.82 -2.81
N GLN B 115 -22.11 27.59 -3.29
CA GLN B 115 -21.51 27.95 -4.61
C GLN B 115 -20.97 29.39 -4.58
N PHE B 116 -21.10 30.07 -3.43
CA PHE B 116 -20.55 31.44 -3.27
C PHE B 116 -19.16 31.35 -2.62
N ASN B 117 -18.72 30.13 -2.31
CA ASN B 117 -17.38 29.88 -1.73
C ASN B 117 -16.57 29.09 -2.77
N GLY B 118 -15.40 29.59 -3.16
CA GLY B 118 -14.60 28.88 -4.17
C GLY B 118 -13.50 28.06 -3.54
N GLY B 119 -13.65 26.74 -3.56
CA GLY B 119 -12.64 25.81 -3.03
C GLY B 119 -12.40 24.69 -4.02
N CYS B 120 -11.15 24.37 -4.34
CA CYS B 120 -10.91 23.26 -5.28
C CYS B 120 -10.45 22.05 -4.49
N LEU B 121 -11.21 20.96 -4.55
CA LEU B 121 -10.91 19.71 -3.82
C LEU B 121 -10.66 18.61 -4.85
N LEU B 122 -9.54 17.88 -4.73
CA LEU B 122 -9.25 16.81 -5.70
C LEU B 122 -9.49 15.45 -5.03
N VAL B 123 -10.39 14.65 -5.59
CA VAL B 123 -10.70 13.30 -5.05
C VAL B 123 -10.15 12.29 -6.06
N ALA B 124 -9.27 11.39 -5.61
CA ALA B 124 -8.68 10.40 -6.53
C ALA B 124 -8.67 9.02 -5.88
N MET B 125 -8.69 7.98 -6.71
CA MET B 125 -8.60 6.57 -6.23
C MET B 125 -7.17 6.13 -6.55
N VAL B 126 -6.36 5.82 -5.53
CA VAL B 126 -4.94 5.46 -5.81
C VAL B 126 -4.70 4.00 -5.38
N PRO B 127 -4.25 3.12 -6.29
CA PRO B 127 -3.96 1.73 -5.93
C PRO B 127 -2.69 1.68 -5.07
N GLU B 128 -2.65 0.77 -4.08
CA GLU B 128 -1.46 0.61 -3.21
C GLU B 128 -1.06 1.97 -2.63
N PHE B 129 -2.02 2.70 -2.05
CA PHE B 129 -1.74 4.04 -1.50
C PHE B 129 -0.66 3.97 -0.41
N LYS B 130 0.26 4.93 -0.45
CA LYS B 130 1.39 5.06 0.52
C LYS B 130 1.38 6.49 1.06
N GLU B 131 1.96 6.73 2.24
CA GLU B 131 1.99 8.11 2.79
C GLU B 131 2.61 8.76 1.55
N PHE B 132 2.01 9.86 1.08
CA PHE B 132 2.48 10.55 -0.15
C PHE B 132 3.28 11.71 0.45
N THR B 133 4.46 11.97 -0.11
CA THR B 133 5.30 13.11 0.31
C THR B 133 4.69 14.41 -0.22
N THR B 134 4.91 15.53 0.48
CA THR B 134 4.36 16.85 0.08
C THR B 134 4.59 17.11 -1.41
N ARG B 135 5.77 16.73 -1.92
CA ARG B 135 6.15 16.93 -3.35
C ARG B 135 5.32 15.98 -4.22
N GLU B 136 5.10 14.75 -3.75
CA GLU B 136 4.28 13.71 -4.44
C GLU B 136 2.82 14.19 -4.59
N LYS B 137 2.32 14.96 -3.62
CA LYS B 137 0.93 15.51 -3.63
C LYS B 137 0.71 16.41 -4.86
N TYR B 138 1.74 17.15 -5.28
CA TYR B 138 1.64 18.01 -6.49
C TYR B 138 1.40 17.13 -7.72
N GLN B 139 2.04 15.96 -7.77
CA GLN B 139 1.95 15.00 -8.90
C GLN B 139 0.91 13.91 -8.61
N LEU B 140 0.00 14.15 -7.67
CA LEU B 140 -1.07 13.19 -7.26
C LEU B 140 -2.19 13.05 -8.30
N THR B 141 -2.23 13.92 -9.32
CA THR B 141 -3.27 13.92 -10.40
C THR B 141 -3.09 12.75 -11.38
N LEU B 142 -1.96 12.04 -11.36
CA LEU B 142 -1.68 10.91 -12.28
C LEU B 142 -2.74 9.81 -12.11
N PHE B 143 -3.16 9.55 -10.86
CA PHE B 143 -4.20 8.52 -10.56
C PHE B 143 -5.58 8.99 -11.02
N PRO B 144 -6.56 8.09 -11.23
CA PRO B 144 -7.89 8.49 -11.70
C PRO B 144 -8.44 9.46 -10.64
N HIS B 145 -8.93 10.62 -11.09
CA HIS B 145 -9.39 11.66 -10.13
C HIS B 145 -10.37 12.62 -10.77
N GLN B 146 -11.10 13.35 -9.94
CA GLN B 146 -12.05 14.40 -10.38
C GLN B 146 -11.92 15.58 -9.41
N PHE B 147 -12.25 16.80 -9.85
CA PHE B 147 -12.11 17.97 -8.94
C PHE B 147 -13.49 18.39 -8.45
N ILE B 148 -13.67 18.46 -7.13
CA ILE B 148 -14.96 18.86 -6.53
C ILE B 148 -14.83 20.33 -6.11
N SER B 149 -15.61 21.21 -6.72
CA SER B 149 -15.59 22.65 -6.36
C SER B 149 -17.03 23.15 -6.32
N PRO B 150 -17.42 24.02 -5.36
CA PRO B 150 -18.79 24.54 -5.27
C PRO B 150 -19.23 25.34 -6.51
N ARG B 151 -18.28 26.01 -7.18
CA ARG B 151 -18.57 26.85 -8.37
C ARG B 151 -19.23 26.03 -9.47
N THR B 152 -18.79 24.80 -9.74
CA THR B 152 -19.45 24.04 -10.84
C THR B 152 -20.09 22.71 -10.40
N ASN B 153 -19.28 21.73 -9.98
CA ASN B 153 -19.88 20.41 -9.63
C ASN B 153 -19.62 20.04 -8.16
N MET B 154 -20.70 19.77 -7.42
CA MET B 154 -20.62 19.40 -5.99
C MET B 154 -20.41 17.89 -5.82
N THR B 155 -20.53 17.12 -6.91
CA THR B 155 -20.40 15.64 -6.81
C THR B 155 -19.37 15.10 -7.82
N ALA B 156 -18.48 14.22 -7.36
CA ALA B 156 -17.47 13.59 -8.25
C ALA B 156 -17.72 12.08 -8.29
N HIS B 157 -17.88 11.51 -9.49
CA HIS B 157 -18.13 10.06 -9.64
C HIS B 157 -16.93 9.42 -10.35
N ILE B 158 -16.29 8.45 -9.72
CA ILE B 158 -15.10 7.77 -10.33
C ILE B 158 -15.34 6.26 -10.35
N THR B 159 -15.20 5.60 -11.51
CA THR B 159 -15.37 4.13 -11.56
C THR B 159 -14.00 3.51 -11.84
N VAL B 160 -13.51 2.65 -10.94
CA VAL B 160 -12.16 2.04 -11.13
C VAL B 160 -12.30 0.51 -11.10
N PRO B 161 -11.75 -0.23 -12.09
CA PRO B 161 -11.81 -1.68 -12.11
C PRO B 161 -10.86 -2.19 -11.01
N TYR B 162 -11.21 -3.30 -10.34
CA TYR B 162 -10.33 -3.81 -9.27
C TYR B 162 -9.04 -4.37 -9.89
N LEU B 163 -7.88 -3.91 -9.41
CA LEU B 163 -6.57 -4.40 -9.90
C LEU B 163 -5.70 -4.80 -8.71
N GLY B 164 -5.17 -6.02 -8.74
CA GLY B 164 -4.30 -6.53 -7.67
C GLY B 164 -3.27 -7.49 -8.23
N VAL B 165 -2.17 -7.72 -7.51
CA VAL B 165 -1.13 -8.67 -8.02
C VAL B 165 -1.78 -10.05 -8.16
N ASN B 166 -2.55 -10.47 -7.15
CA ASN B 166 -3.26 -11.77 -7.18
C ASN B 166 -4.61 -11.57 -7.89
N ARG B 167 -5.20 -12.63 -8.43
CA ARG B 167 -6.53 -12.48 -9.08
C ARG B 167 -7.52 -12.05 -8.01
N TYR B 168 -7.46 -12.72 -6.85
CA TYR B 168 -8.31 -12.42 -5.67
C TYR B 168 -7.39 -12.30 -4.44
N ASP B 169 -7.55 -11.24 -3.67
CA ASP B 169 -6.70 -11.03 -2.46
C ASP B 169 -7.63 -10.82 -1.26
N GLN B 170 -7.34 -11.48 -0.12
CA GLN B 170 -8.21 -11.30 1.07
C GLN B 170 -8.20 -9.82 1.42
N TYR B 171 -9.38 -9.22 1.59
CA TYR B 171 -9.49 -7.78 1.90
C TYR B 171 -8.89 -7.46 3.28
N ASN B 172 -9.08 -8.35 4.24
CA ASN B 172 -8.54 -8.08 5.61
C ASN B 172 -7.01 -7.97 5.55
N LYS B 173 -6.35 -8.89 4.84
CA LYS B 173 -4.87 -8.86 4.75
C LYS B 173 -4.38 -7.62 3.97
N HIS B 174 -5.01 -7.30 2.84
CA HIS B 174 -4.56 -6.14 2.03
C HIS B 174 -5.76 -5.49 1.30
N LYS B 175 -5.75 -4.16 1.17
CA LYS B 175 -6.84 -3.44 0.45
C LYS B 175 -6.21 -2.70 -0.74
N PRO B 176 -6.56 -3.03 -2.00
CA PRO B 176 -5.97 -2.40 -3.18
C PRO B 176 -6.24 -0.90 -3.43
N TRP B 177 -7.47 -0.45 -3.25
CA TRP B 177 -7.82 0.97 -3.56
C TRP B 177 -8.15 1.75 -2.29
N THR B 178 -7.52 2.91 -2.09
CA THR B 178 -7.88 3.76 -0.94
C THR B 178 -8.34 5.11 -1.48
N LEU B 179 -9.59 5.53 -1.18
CA LEU B 179 -10.08 6.82 -1.68
C LEU B 179 -9.28 7.93 -1.00
N VAL B 180 -8.79 8.91 -1.76
CA VAL B 180 -8.00 10.02 -1.15
C VAL B 180 -8.65 11.34 -1.57
N VAL B 181 -8.96 12.20 -0.59
CA VAL B 181 -9.56 13.54 -0.90
C VAL B 181 -8.50 14.57 -0.52
N MET B 182 -8.09 15.40 -1.48
CA MET B 182 -7.05 16.43 -1.21
C MET B 182 -7.62 17.83 -1.46
N VAL B 183 -7.39 18.75 -0.54
CA VAL B 183 -7.92 20.15 -0.68
C VAL B 183 -6.92 20.93 -1.54
N VAL B 184 -7.09 20.90 -2.86
CA VAL B 184 -6.16 21.61 -3.79
C VAL B 184 -6.20 23.11 -3.49
N SER B 185 -7.40 23.66 -3.26
CA SER B 185 -7.53 25.09 -2.92
C SER B 185 -8.27 25.22 -1.57
N PRO B 186 -7.76 26.01 -0.60
CA PRO B 186 -8.45 26.15 0.68
C PRO B 186 -9.83 26.77 0.40
N LEU B 187 -10.87 26.26 1.05
CA LEU B 187 -12.25 26.78 0.79
C LEU B 187 -12.27 28.28 1.11
N THR B 188 -12.77 29.09 0.18
CA THR B 188 -12.88 30.56 0.39
C THR B 188 -14.27 30.86 0.97
N THR B 189 -14.44 30.66 2.28
CA THR B 189 -15.77 30.91 2.91
C THR B 189 -16.13 32.38 2.77
N SER B 190 -17.40 32.65 2.44
CA SER B 190 -17.94 34.01 2.26
C SER B 190 -19.24 34.15 3.05
N SER B 191 -19.74 35.37 3.27
CA SER B 191 -20.97 35.51 4.07
C SER B 191 -22.12 34.77 3.36
N ILE B 192 -22.23 34.94 2.04
CA ILE B 192 -23.30 34.25 1.25
C ILE B 192 -23.06 32.74 1.24
N GLY B 193 -21.80 32.31 1.11
CA GLY B 193 -21.43 30.89 1.01
C GLY B 193 -21.53 30.13 2.32
N ALA B 194 -21.53 28.79 2.24
CA ALA B 194 -21.58 27.92 3.44
C ALA B 194 -20.31 28.14 4.25
N SER B 195 -20.44 28.18 5.59
CA SER B 195 -19.26 28.39 6.47
C SER B 195 -18.26 27.25 6.29
N GLN B 196 -18.77 26.01 6.24
CA GLN B 196 -17.90 24.82 6.05
C GLN B 196 -18.62 23.84 5.12
N ILE B 197 -17.88 22.98 4.43
CA ILE B 197 -18.51 22.00 3.51
C ILE B 197 -18.12 20.57 3.93
N LYS B 198 -19.12 19.72 4.20
CA LYS B 198 -18.88 18.31 4.60
C LYS B 198 -18.57 17.48 3.36
N VAL B 199 -17.95 16.31 3.53
CA VAL B 199 -17.60 15.44 2.37
C VAL B 199 -18.06 14.01 2.65
N TYR B 200 -19.10 13.55 1.94
CA TYR B 200 -19.62 12.21 2.09
C TYR B 200 -19.38 11.42 0.83
N THR B 201 -19.17 10.11 0.98
CA THR B 201 -18.86 9.25 -0.14
C THR B 201 -19.92 8.19 -0.32
N ASN B 202 -20.45 8.09 -1.53
CA ASN B 202 -21.38 7.04 -1.89
C ASN B 202 -20.62 5.99 -2.67
N ILE B 203 -19.90 5.13 -1.96
CA ILE B 203 -19.07 4.10 -2.58
C ILE B 203 -19.95 2.89 -2.85
N ALA B 204 -19.63 2.14 -3.89
CA ALA B 204 -20.49 1.01 -4.20
C ALA B 204 -19.55 -0.01 -4.82
N PRO B 205 -19.63 -1.27 -4.44
CA PRO B 205 -18.73 -2.27 -5.01
C PRO B 205 -19.41 -2.65 -6.31
N THR B 206 -18.62 -2.93 -7.33
CA THR B 206 -19.21 -3.34 -8.60
C THR B 206 -18.41 -4.51 -9.15
N HIS B 207 -19.12 -5.39 -9.85
CA HIS B 207 -18.57 -6.65 -10.34
C HIS B 207 -17.95 -7.47 -9.21
N VAL B 208 -18.63 -7.50 -8.07
CA VAL B 208 -18.06 -8.14 -6.89
C VAL B 208 -18.22 -9.65 -6.99
N HIS B 209 -17.09 -10.35 -7.01
CA HIS B 209 -17.07 -11.80 -6.98
C HIS B 209 -16.52 -12.28 -5.65
N VAL B 210 -16.70 -13.57 -5.40
CA VAL B 210 -16.19 -14.20 -4.18
C VAL B 210 -15.67 -15.60 -4.55
N ALA B 211 -15.00 -16.22 -3.60
CA ALA B 211 -14.45 -17.55 -3.83
C ALA B 211 -14.04 -18.15 -2.50
N GLY B 212 -13.94 -19.48 -2.48
CA GLY B 212 -13.57 -20.17 -1.24
C GLY B 212 -14.39 -20.00 -0.01
N GLU B 213 -15.68 -20.39 -0.05
CA GLU B 213 -16.54 -20.33 1.12
C GLU B 213 -15.83 -20.71 2.40
N LEU B 214 -15.99 -19.85 3.41
CA LEU B 214 -15.19 -19.96 4.61
C LEU B 214 -16.03 -20.26 5.83
N PRO B 215 -15.61 -21.19 6.70
CA PRO B 215 -16.51 -21.68 7.74
C PRO B 215 -16.73 -20.63 8.82
N SER B 216 -17.99 -20.44 9.19
CA SER B 216 -18.35 -19.46 10.20
C SER B 216 -18.25 -20.09 11.57
N LYS B 217 -18.25 -19.23 12.59
CA LYS B 217 -18.08 -19.65 13.97
C LYS B 217 -19.27 -20.46 14.46
N GLY C 1 40.13 -12.38 -45.60
CA GLY C 1 40.15 -11.76 -44.26
C GLY C 1 39.33 -12.54 -43.26
N ILE C 2 39.96 -12.97 -42.16
CA ILE C 2 39.25 -13.76 -41.11
C ILE C 2 38.14 -12.87 -40.51
N VAL C 3 36.96 -13.44 -40.28
CA VAL C 3 35.80 -12.69 -39.72
C VAL C 3 36.16 -12.24 -38.30
N PRO C 4 35.76 -11.04 -37.84
CA PRO C 4 36.07 -10.61 -36.48
C PRO C 4 34.92 -11.07 -35.58
N VAL C 5 35.19 -12.04 -34.70
CA VAL C 5 34.16 -12.60 -33.79
C VAL C 5 33.67 -11.54 -32.79
N ALA C 6 34.58 -10.71 -32.29
CA ALA C 6 34.23 -9.68 -31.28
C ALA C 6 33.49 -10.34 -30.11
N CYS C 7 34.07 -11.42 -29.57
CA CYS C 7 33.43 -12.23 -28.50
C CYS C 7 33.13 -11.35 -27.29
N SER C 8 31.94 -11.52 -26.71
CA SER C 8 31.45 -10.75 -25.54
C SER C 8 32.18 -11.18 -24.26
N ASP C 9 32.19 -10.31 -23.25
CA ASP C 9 32.87 -10.57 -21.95
C ASP C 9 31.83 -10.60 -20.83
N GLY C 10 31.98 -11.54 -19.89
CA GLY C 10 31.07 -11.67 -18.73
C GLY C 10 29.92 -12.63 -18.99
N TYR C 11 29.84 -13.21 -20.19
CA TYR C 11 28.75 -14.18 -20.48
C TYR C 11 29.32 -15.38 -21.27
N GLY C 12 28.61 -16.50 -21.24
CA GLY C 12 29.06 -17.73 -21.93
C GLY C 12 29.75 -18.68 -20.97
N GLY C 13 29.86 -18.29 -19.69
CA GLY C 13 30.45 -19.16 -18.66
C GLY C 13 29.59 -20.39 -18.48
N LEU C 14 30.19 -21.56 -18.25
CA LEU C 14 29.37 -22.79 -18.11
C LEU C 14 28.40 -22.63 -16.95
N VAL C 15 27.15 -23.04 -17.15
CA VAL C 15 26.07 -22.96 -16.12
C VAL C 15 25.52 -24.37 -15.90
N THR C 16 25.20 -24.71 -14.65
CA THR C 16 24.69 -26.07 -14.31
C THR C 16 23.38 -26.37 -15.04
N THR C 17 22.51 -25.37 -15.19
CA THR C 17 21.21 -25.56 -15.87
C THR C 17 21.26 -25.04 -17.31
N ASP C 18 22.45 -24.70 -17.82
CA ASP C 18 22.59 -24.13 -19.19
C ASP C 18 22.05 -25.11 -20.23
N PRO C 19 21.26 -24.63 -21.21
CA PRO C 19 20.67 -25.47 -22.28
C PRO C 19 21.65 -26.11 -23.28
N LYS C 20 22.71 -25.40 -23.66
CA LYS C 20 23.65 -25.90 -24.70
C LYS C 20 24.23 -27.26 -24.31
N THR C 21 24.24 -28.20 -25.25
CA THR C 21 24.78 -29.57 -25.04
C THR C 21 26.31 -29.53 -25.10
N ALA C 22 26.97 -30.49 -24.42
CA ALA C 22 28.44 -30.56 -24.42
C ALA C 22 28.96 -31.09 -25.76
N ASP C 23 30.20 -30.74 -26.12
CA ASP C 23 30.82 -31.21 -27.39
C ASP C 23 31.06 -32.71 -27.29
N PRO C 24 30.88 -33.51 -28.36
CA PRO C 24 31.10 -34.96 -28.29
C PRO C 24 32.61 -35.27 -28.19
N ALA C 25 32.99 -36.11 -27.24
CA ALA C 25 34.42 -36.49 -27.07
C ALA C 25 34.65 -37.94 -27.51
N TYR C 26 33.60 -38.59 -28.05
CA TYR C 26 33.74 -40.02 -28.48
C TYR C 26 32.97 -40.25 -29.79
N GLY C 27 33.32 -41.33 -30.49
CA GLY C 27 32.66 -41.72 -31.76
C GLY C 27 31.26 -42.26 -31.54
N MET C 28 30.42 -42.25 -32.58
CA MET C 28 29.03 -42.73 -32.43
C MET C 28 29.06 -44.21 -32.01
N VAL C 29 28.27 -44.55 -30.99
CA VAL C 29 28.17 -45.95 -30.48
C VAL C 29 26.69 -46.32 -30.43
N TYR C 30 26.32 -47.49 -30.95
CA TYR C 30 24.90 -47.90 -30.91
C TYR C 30 24.67 -48.71 -29.63
N ASN C 31 23.85 -48.16 -28.72
CA ASN C 31 23.54 -48.80 -27.42
C ASN C 31 22.56 -49.96 -27.61
N PRO C 32 22.44 -50.90 -26.65
CA PRO C 32 21.52 -52.03 -26.80
C PRO C 32 20.11 -51.46 -26.98
N PRO C 33 19.31 -51.99 -27.93
CA PRO C 33 18.00 -51.43 -28.23
C PRO C 33 16.85 -51.96 -27.34
N ARG C 34 16.09 -51.04 -26.75
CA ARG C 34 14.90 -51.41 -25.94
C ARG C 34 13.68 -50.79 -26.63
N THR C 35 12.71 -51.62 -27.00
CA THR C 35 11.48 -51.12 -27.69
C THR C 35 10.28 -51.43 -26.80
N ASN C 36 9.45 -50.42 -26.54
CA ASN C 36 8.22 -50.53 -25.70
C ASN C 36 8.56 -51.15 -24.35
N TYR C 37 9.64 -50.69 -23.71
CA TYR C 37 10.07 -51.21 -22.38
C TYR C 37 8.95 -50.89 -21.39
N PRO C 38 8.54 -51.84 -20.52
CA PRO C 38 7.44 -51.61 -19.58
C PRO C 38 7.72 -50.65 -18.40
N GLY C 39 6.72 -49.86 -18.02
CA GLY C 39 6.81 -48.95 -16.87
C GLY C 39 7.48 -47.63 -17.16
N ARG C 40 7.84 -47.35 -18.41
CA ARG C 40 8.52 -46.05 -18.70
C ARG C 40 7.53 -44.90 -18.44
N PHE C 41 7.96 -43.87 -17.72
CA PHE C 41 7.08 -42.69 -17.47
C PHE C 41 7.78 -41.42 -17.94
N THR C 42 7.21 -40.76 -18.95
CA THR C 42 7.78 -39.51 -19.52
C THR C 42 7.74 -38.37 -18.52
N ASN C 43 6.63 -38.22 -17.79
CA ASN C 43 6.47 -37.06 -16.85
C ASN C 43 6.33 -37.55 -15.40
N LEU C 44 7.09 -36.93 -14.50
CA LEU C 44 7.07 -37.29 -13.05
C LEU C 44 5.66 -37.01 -12.49
N LEU C 45 5.06 -35.90 -12.91
CA LEU C 45 3.72 -35.48 -12.42
C LEU C 45 2.69 -36.55 -12.80
N ASP C 46 2.78 -37.12 -14.00
CA ASP C 46 1.82 -38.16 -14.44
C ASP C 46 1.91 -39.37 -13.49
N VAL C 47 3.12 -39.75 -13.09
CA VAL C 47 3.27 -40.91 -12.16
C VAL C 47 2.59 -40.59 -10.84
N ALA C 48 2.78 -39.36 -10.34
CA ALA C 48 2.15 -38.94 -9.06
C ALA C 48 0.63 -38.93 -9.23
N GLU C 49 0.15 -38.41 -10.36
CA GLU C 49 -1.30 -38.35 -10.66
C GLU C 49 -1.88 -39.77 -10.83
N ALA C 50 -1.15 -40.64 -11.54
CA ALA C 50 -1.63 -42.02 -11.81
C ALA C 50 -1.77 -42.86 -10.54
N CYS C 51 -0.79 -42.79 -9.62
CA CYS C 51 -0.86 -43.65 -8.42
C CYS C 51 -0.89 -42.82 -7.12
N PRO C 52 -1.91 -42.98 -6.27
CA PRO C 52 -2.00 -42.25 -5.00
C PRO C 52 -1.03 -42.84 -3.97
N THR C 53 -0.59 -42.03 -3.01
CA THR C 53 0.33 -42.50 -1.93
C THR C 53 -0.27 -42.14 -0.58
N PHE C 54 0.04 -42.91 0.47
CA PHE C 54 -0.53 -42.72 1.82
C PHE C 54 0.04 -41.46 2.50
N LEU C 55 -0.70 -40.94 3.48
CA LEU C 55 -0.31 -39.73 4.25
C LEU C 55 0.05 -40.15 5.68
N CYS C 56 1.09 -39.53 6.25
CA CYS C 56 1.51 -39.82 7.65
C CYS C 56 0.48 -39.25 8.63
N PHE C 57 0.35 -39.86 9.81
CA PHE C 57 -0.62 -39.44 10.86
C PHE C 57 -0.04 -39.78 12.24
N ASP C 58 -0.78 -39.48 13.31
CA ASP C 58 -0.28 -39.81 14.67
C ASP C 58 0.00 -41.31 14.72
N ASP C 59 1.19 -41.66 15.21
CA ASP C 59 1.78 -43.04 15.33
C ASP C 59 2.32 -43.49 13.97
N GLY C 60 2.48 -42.55 13.04
CA GLY C 60 3.02 -42.82 11.70
C GLY C 60 2.24 -43.89 10.96
N LYS C 61 0.90 -43.85 11.03
CA LYS C 61 0.05 -44.86 10.35
C LYS C 61 -0.85 -44.14 9.34
N PRO C 62 -0.93 -44.60 8.07
CA PRO C 62 -1.74 -43.92 7.06
C PRO C 62 -3.25 -43.91 7.37
N TYR C 63 -3.78 -45.02 7.88
CA TYR C 63 -5.22 -45.12 8.22
C TYR C 63 -5.53 -44.24 9.44
N VAL C 64 -6.68 -43.57 9.43
CA VAL C 64 -7.11 -42.75 10.60
C VAL C 64 -8.19 -43.55 11.34
N VAL C 65 -7.90 -43.97 12.58
CA VAL C 65 -8.87 -44.81 13.35
C VAL C 65 -10.06 -43.96 13.80
N THR C 66 -11.23 -44.58 13.95
CA THR C 66 -12.45 -43.88 14.41
C THR C 66 -12.20 -43.43 15.86
N ARG C 67 -12.59 -42.20 16.19
CA ARG C 67 -12.38 -41.67 17.56
C ARG C 67 -13.16 -42.51 18.58
N ALA C 68 -12.52 -42.81 19.72
CA ALA C 68 -13.15 -43.58 20.81
C ALA C 68 -13.85 -42.62 21.79
N ASP C 69 -13.69 -41.31 21.54
CA ASP C 69 -14.28 -40.20 22.36
C ASP C 69 -15.30 -39.45 21.48
N GLU C 70 -16.05 -38.52 22.05
CA GLU C 70 -17.07 -37.76 21.28
C GLU C 70 -16.42 -36.59 20.53
N GLN C 71 -15.61 -36.91 19.51
CA GLN C 71 -14.94 -35.91 18.63
C GLN C 71 -15.28 -36.29 17.19
N ARG C 72 -15.82 -35.35 16.41
CA ARG C 72 -16.22 -35.69 15.02
C ARG C 72 -15.10 -35.38 14.02
N LEU C 73 -13.99 -34.79 14.48
CA LEU C 73 -12.88 -34.49 13.53
C LEU C 73 -11.79 -35.55 13.68
N LEU C 74 -11.68 -36.47 12.72
CA LEU C 74 -10.66 -37.54 12.80
C LEU C 74 -9.25 -36.94 12.67
N ALA C 75 -9.05 -36.06 11.69
CA ALA C 75 -7.73 -35.42 11.51
C ALA C 75 -7.87 -34.15 10.66
N LYS C 76 -7.04 -33.13 10.94
CA LYS C 76 -7.03 -31.88 10.15
C LYS C 76 -5.57 -31.60 9.76
N PHE C 77 -5.30 -31.36 8.47
CA PHE C 77 -3.89 -31.11 8.05
C PHE C 77 -3.81 -29.91 7.10
N ASP C 78 -2.63 -29.28 7.07
CA ASP C 78 -2.36 -28.09 6.21
C ASP C 78 -2.35 -28.53 4.74
N LEU C 79 -2.92 -27.70 3.85
CA LEU C 79 -2.96 -27.99 2.39
C LEU C 79 -1.56 -27.94 1.77
N SER C 80 -0.65 -27.15 2.36
CA SER C 80 0.72 -27.01 1.80
C SER C 80 1.37 -28.39 1.70
N LEU C 81 2.06 -28.64 0.58
CA LEU C 81 2.71 -29.94 0.29
C LEU C 81 3.78 -30.26 1.35
N ALA C 82 4.49 -29.24 1.85
CA ALA C 82 5.49 -29.48 2.91
C ALA C 82 4.78 -29.49 4.26
N ALA C 83 4.04 -30.57 4.56
CA ALA C 83 3.27 -30.73 5.81
C ALA C 83 3.62 -32.08 6.44
N LYS C 84 3.53 -32.19 7.77
CA LYS C 84 3.88 -33.45 8.47
C LYS C 84 2.97 -34.58 7.97
N HIS C 85 1.68 -34.30 7.81
CA HIS C 85 0.72 -35.34 7.34
C HIS C 85 1.07 -35.82 5.94
N MET C 86 1.48 -34.91 5.04
CA MET C 86 1.81 -35.28 3.64
C MET C 86 3.31 -35.47 3.45
N SER C 87 4.12 -35.34 4.50
CA SER C 87 5.59 -35.45 4.31
C SER C 87 5.96 -36.83 3.76
N ASN C 88 5.35 -37.89 4.29
CA ASN C 88 5.61 -39.28 3.85
C ASN C 88 5.16 -39.52 2.40
N THR C 89 4.06 -38.89 1.98
CA THR C 89 3.48 -39.15 0.63
C THR C 89 4.46 -38.80 -0.51
N TYR C 90 4.42 -39.61 -1.56
CA TYR C 90 5.29 -39.46 -2.77
C TYR C 90 5.01 -38.14 -3.47
N LEU C 91 3.74 -37.73 -3.54
CA LEU C 91 3.37 -36.49 -4.27
C LEU C 91 4.10 -35.29 -3.66
N SER C 92 4.18 -35.22 -2.32
CA SER C 92 4.93 -34.09 -1.69
C SER C 92 6.40 -34.17 -2.06
N GLY C 93 6.97 -35.39 -2.09
CA GLY C 93 8.40 -35.54 -2.37
C GLY C 93 8.79 -35.03 -3.74
N ILE C 94 8.03 -35.37 -4.79
CA ILE C 94 8.34 -34.85 -6.15
C ILE C 94 8.11 -33.33 -6.14
N ALA C 95 7.02 -32.90 -5.48
CA ALA C 95 6.63 -31.48 -5.37
C ALA C 95 7.61 -30.66 -4.53
N GLN C 96 8.33 -31.31 -3.62
CA GLN C 96 9.27 -30.59 -2.72
C GLN C 96 10.34 -29.88 -3.57
N TYR C 97 10.86 -30.57 -4.60
CA TYR C 97 11.90 -29.98 -5.47
C TYR C 97 11.36 -28.77 -6.23
N TYR C 98 10.13 -28.84 -6.75
CA TYR C 98 9.57 -27.68 -7.50
C TYR C 98 9.33 -26.50 -6.55
N ALA C 99 9.71 -25.30 -6.96
CA ALA C 99 9.56 -24.09 -6.11
C ALA C 99 8.10 -23.81 -5.80
N GLN C 100 7.22 -23.89 -6.80
CA GLN C 100 5.78 -23.58 -6.58
C GLN C 100 4.89 -24.57 -7.35
N TYR C 101 3.65 -24.75 -6.90
CA TYR C 101 2.70 -25.70 -7.53
C TYR C 101 1.34 -25.04 -7.74
N SER C 102 0.57 -25.58 -8.69
CA SER C 102 -0.80 -25.07 -9.01
C SER C 102 -1.71 -26.25 -9.36
N GLY C 103 -3.03 -26.05 -9.30
CA GLY C 103 -3.99 -27.11 -9.65
C GLY C 103 -4.55 -27.83 -8.43
N THR C 104 -5.68 -28.52 -8.64
CA THR C 104 -6.41 -29.26 -7.58
C THR C 104 -5.58 -30.46 -7.11
N ILE C 105 -5.64 -30.79 -5.82
CA ILE C 105 -4.95 -31.98 -5.26
C ILE C 105 -6.05 -33.00 -4.91
N ASN C 106 -5.98 -34.21 -5.47
CA ASN C 106 -7.02 -35.24 -5.24
C ASN C 106 -6.69 -36.05 -3.98
N LEU C 107 -7.67 -36.21 -3.09
CA LEU C 107 -7.50 -37.03 -1.87
C LEU C 107 -8.37 -38.28 -2.03
N HIS C 108 -7.77 -39.46 -1.91
CA HIS C 108 -8.55 -40.73 -2.05
C HIS C 108 -8.74 -41.36 -0.67
N PHE C 109 -10.00 -41.52 -0.25
CA PHE C 109 -10.28 -42.17 1.06
C PHE C 109 -10.93 -43.52 0.78
N MET C 110 -10.32 -44.61 1.23
CA MET C 110 -10.93 -45.94 1.01
C MET C 110 -11.18 -46.59 2.38
N PHE C 111 -12.43 -46.95 2.66
CA PHE C 111 -12.79 -47.58 3.96
C PHE C 111 -12.12 -48.96 4.03
N THR C 112 -11.56 -49.30 5.18
CA THR C 112 -10.92 -50.63 5.39
C THR C 112 -11.48 -51.22 6.68
N GLY C 113 -12.76 -51.61 6.64
CA GLY C 113 -13.45 -52.17 7.81
C GLY C 113 -14.36 -53.33 7.40
N SER C 114 -14.84 -54.10 8.37
CA SER C 114 -15.72 -55.26 8.09
C SER C 114 -17.09 -54.79 7.56
N THR C 115 -17.79 -55.67 6.84
CA THR C 115 -19.09 -55.34 6.21
C THR C 115 -20.13 -54.94 7.26
N ASP C 116 -20.11 -55.55 8.44
CA ASP C 116 -21.08 -55.21 9.53
C ASP C 116 -20.89 -53.75 9.96
N SER C 117 -19.65 -53.26 9.99
CA SER C 117 -19.37 -51.86 10.40
C SER C 117 -19.64 -50.88 9.25
N LYS C 118 -20.50 -49.89 9.50
CA LYS C 118 -20.83 -48.85 8.49
C LYS C 118 -20.58 -47.47 9.11
N ALA C 119 -19.87 -46.59 8.40
CA ALA C 119 -19.60 -45.24 8.93
C ALA C 119 -19.76 -44.19 7.82
N ARG C 120 -20.04 -42.94 8.21
CA ARG C 120 -20.21 -41.83 7.24
C ARG C 120 -19.10 -40.81 7.51
N TYR C 121 -18.31 -40.46 6.49
CA TYR C 121 -17.19 -39.50 6.67
C TYR C 121 -17.39 -38.27 5.80
N MET C 122 -17.00 -37.11 6.30
CA MET C 122 -17.11 -35.84 5.55
C MET C 122 -15.72 -35.19 5.46
N VAL C 123 -15.24 -34.91 4.25
CA VAL C 123 -13.92 -34.24 4.08
C VAL C 123 -14.22 -32.80 3.67
N ALA C 124 -13.80 -31.82 4.48
CA ALA C 124 -14.10 -30.41 4.17
C ALA C 124 -12.82 -29.60 4.01
N TYR C 125 -12.71 -28.85 2.91
CA TYR C 125 -11.52 -27.99 2.68
C TYR C 125 -11.87 -26.59 3.19
N VAL C 126 -11.09 -26.07 4.14
CA VAL C 126 -11.39 -24.74 4.73
C VAL C 126 -10.37 -23.73 4.19
N PRO C 127 -10.82 -22.60 3.59
CA PRO C 127 -9.90 -21.57 3.08
C PRO C 127 -9.19 -20.86 4.24
N PRO C 128 -7.98 -20.30 4.05
CA PRO C 128 -7.25 -19.68 5.16
C PRO C 128 -7.70 -18.25 5.48
N GLY C 129 -8.95 -18.10 5.91
CA GLY C 129 -9.51 -16.79 6.31
C GLY C 129 -9.85 -16.77 7.79
N VAL C 130 -9.52 -17.86 8.50
CA VAL C 130 -9.82 -17.99 9.96
C VAL C 130 -8.54 -18.40 10.69
N THR C 131 -8.47 -18.09 11.99
CA THR C 131 -7.27 -18.40 12.81
C THR C 131 -7.07 -19.92 12.89
N THR C 132 -8.14 -20.69 13.11
CA THR C 132 -8.03 -22.17 13.23
C THR C 132 -9.25 -22.85 12.60
N PRO C 133 -9.09 -24.06 12.02
CA PRO C 133 -10.22 -24.80 11.43
C PRO C 133 -11.21 -25.27 12.50
N PRO C 134 -12.52 -25.35 12.20
CA PRO C 134 -13.53 -25.77 13.18
C PRO C 134 -13.41 -27.26 13.59
N ASP C 135 -13.77 -27.57 14.84
CA ASP C 135 -13.71 -28.95 15.38
C ASP C 135 -15.05 -29.66 15.18
N THR C 136 -16.04 -28.97 14.61
CA THR C 136 -17.39 -29.57 14.39
C THR C 136 -17.73 -29.58 12.90
N PRO C 137 -18.24 -30.69 12.34
CA PRO C 137 -18.57 -30.77 10.91
C PRO C 137 -19.62 -29.73 10.50
N GLU C 138 -20.62 -29.48 11.36
CA GLU C 138 -21.67 -28.48 11.04
C GLU C 138 -21.01 -27.10 10.87
N ARG C 139 -20.06 -26.76 11.75
CA ARG C 139 -19.33 -25.47 11.63
C ARG C 139 -18.53 -25.46 10.32
N ALA C 140 -17.94 -26.61 9.96
CA ALA C 140 -17.13 -26.74 8.72
C ALA C 140 -18.00 -27.05 7.51
N ALA C 141 -19.31 -27.25 7.72
CA ALA C 141 -20.24 -27.58 6.61
C ALA C 141 -20.32 -26.44 5.58
N HIS C 142 -20.22 -25.19 6.05
CA HIS C 142 -20.35 -24.00 5.17
C HIS C 142 -19.28 -23.99 4.07
N CYS C 143 -18.04 -24.38 4.39
CA CYS C 143 -16.93 -24.43 3.39
C CYS C 143 -17.07 -25.67 2.49
N ILE C 144 -16.36 -25.69 1.35
CA ILE C 144 -16.49 -26.82 0.40
C ILE C 144 -16.21 -28.12 1.14
N HIS C 145 -17.09 -29.11 0.97
CA HIS C 145 -16.94 -30.40 1.69
C HIS C 145 -17.67 -31.51 0.92
N ALA C 146 -17.28 -32.76 1.15
CA ALA C 146 -17.95 -33.93 0.52
C ALA C 146 -18.27 -34.96 1.60
N GLU C 147 -19.51 -35.44 1.66
CA GLU C 147 -19.89 -36.47 2.67
C GLU C 147 -20.18 -37.77 1.91
N TRP C 148 -19.48 -38.86 2.24
CA TRP C 148 -19.70 -40.13 1.51
C TRP C 148 -19.99 -41.27 2.48
N ASP C 149 -21.11 -41.98 2.27
CA ASP C 149 -21.48 -43.18 3.09
C ASP C 149 -20.60 -44.34 2.62
N THR C 150 -20.32 -45.31 3.50
CA THR C 150 -19.47 -46.46 3.09
C THR C 150 -20.36 -47.64 2.68
N GLY C 151 -20.26 -48.07 1.42
CA GLY C 151 -21.07 -49.18 0.91
C GLY C 151 -20.25 -50.15 0.06
N LEU C 152 -20.81 -50.56 -1.09
CA LEU C 152 -20.12 -51.51 -2.00
C LEU C 152 -18.83 -50.87 -2.51
N ASN C 153 -18.85 -49.58 -2.83
CA ASN C 153 -17.62 -48.89 -3.32
C ASN C 153 -16.86 -48.35 -2.10
N SER C 154 -15.76 -49.03 -1.73
CA SER C 154 -14.94 -48.67 -0.54
C SER C 154 -14.24 -47.33 -0.69
N LYS C 155 -13.70 -47.02 -1.86
CA LYS C 155 -12.89 -45.78 -2.03
C LYS C 155 -13.69 -44.62 -2.62
N PHE C 156 -13.63 -43.47 -1.95
CA PHE C 156 -14.28 -42.21 -2.41
C PHE C 156 -13.15 -41.20 -2.65
N THR C 157 -13.10 -40.58 -3.83
CA THR C 157 -12.01 -39.62 -4.13
C THR C 157 -12.56 -38.19 -4.11
N PHE C 158 -11.98 -37.34 -3.26
CA PHE C 158 -12.42 -35.92 -3.18
C PHE C 158 -11.28 -35.05 -3.72
N SER C 159 -11.61 -34.19 -4.70
CA SER C 159 -10.57 -33.30 -5.29
C SER C 159 -10.58 -31.98 -4.53
N ILE C 160 -9.44 -31.58 -3.97
CA ILE C 160 -9.38 -30.31 -3.21
C ILE C 160 -9.25 -29.16 -4.21
N PRO C 161 -10.21 -28.23 -4.29
CA PRO C 161 -10.14 -27.14 -5.26
C PRO C 161 -8.96 -26.24 -4.87
N TYR C 162 -8.19 -25.76 -5.84
CA TYR C 162 -7.05 -24.88 -5.50
C TYR C 162 -7.48 -23.42 -5.66
N VAL C 163 -7.65 -22.72 -4.53
CA VAL C 163 -8.03 -21.27 -4.56
C VAL C 163 -7.06 -20.52 -3.66
N SER C 164 -6.36 -19.51 -4.23
CA SER C 164 -5.40 -18.69 -3.46
C SER C 164 -5.28 -17.31 -4.10
N ALA C 165 -4.85 -16.31 -3.34
CA ALA C 165 -4.71 -14.95 -3.92
C ALA C 165 -3.67 -15.01 -5.05
N ALA C 166 -2.55 -15.69 -4.79
CA ALA C 166 -1.46 -15.86 -5.78
C ALA C 166 -1.85 -16.95 -6.78
N ASP C 167 -1.51 -16.79 -8.05
CA ASP C 167 -1.83 -17.82 -9.08
C ASP C 167 -1.09 -19.11 -8.72
N TYR C 168 0.17 -19.00 -8.27
CA TYR C 168 0.99 -20.17 -7.86
C TYR C 168 1.39 -20.02 -6.39
N ALA C 169 1.26 -21.09 -5.61
CA ALA C 169 1.59 -21.07 -4.16
C ALA C 169 2.84 -21.90 -3.89
N TYR C 170 3.77 -21.36 -3.11
CA TYR C 170 5.03 -22.07 -2.79
C TYR C 170 4.73 -23.35 -2.02
N THR C 171 5.41 -24.44 -2.40
CA THR C 171 5.21 -25.79 -1.79
C THR C 171 5.63 -25.78 -0.32
N ALA C 172 6.73 -25.11 0.03
CA ALA C 172 7.22 -25.12 1.42
C ALA C 172 6.78 -23.86 2.17
N SER C 173 6.11 -24.03 3.31
CA SER C 173 5.62 -22.90 4.15
C SER C 173 6.82 -22.12 4.72
N ASP C 174 6.75 -20.79 4.71
CA ASP C 174 7.84 -19.93 5.24
C ASP C 174 7.93 -20.11 6.76
N VAL C 175 9.14 -20.10 7.31
CA VAL C 175 9.37 -20.25 8.77
C VAL C 175 8.75 -19.07 9.51
N ALA C 176 8.90 -17.86 8.95
CA ALA C 176 8.38 -16.62 9.57
C ALA C 176 6.85 -16.67 9.70
N ASP C 177 6.15 -17.19 8.69
CA ASP C 177 4.67 -17.23 8.73
C ASP C 177 4.22 -18.48 9.49
N THR C 178 3.69 -18.30 10.71
CA THR C 178 3.22 -19.42 11.56
C THR C 178 2.02 -20.11 10.90
N THR C 179 1.09 -19.32 10.35
CA THR C 179 -0.11 -19.87 9.67
C THR C 179 0.30 -20.48 8.32
N ASN C 180 -0.43 -21.49 7.85
CA ASN C 180 -0.11 -22.17 6.57
C ASN C 180 -0.41 -21.22 5.39
N VAL C 181 0.32 -21.37 4.30
CA VAL C 181 0.12 -20.52 3.08
C VAL C 181 -1.28 -20.80 2.55
N GLN C 182 -1.68 -22.08 2.54
CA GLN C 182 -3.03 -22.52 2.08
C GLN C 182 -3.85 -22.91 3.30
N GLY C 183 -5.18 -22.85 3.20
CA GLY C 183 -6.06 -23.17 4.34
C GLY C 183 -6.03 -24.66 4.67
N TRP C 184 -6.31 -25.00 5.94
CA TRP C 184 -6.27 -26.41 6.41
C TRP C 184 -7.35 -27.27 5.74
N VAL C 185 -7.06 -28.56 5.55
CA VAL C 185 -8.02 -29.55 4.99
C VAL C 185 -8.39 -30.45 6.16
N CYS C 186 -9.67 -30.60 6.47
CA CYS C 186 -10.08 -31.41 7.64
C CYS C 186 -10.96 -32.59 7.22
N ILE C 187 -10.65 -33.78 7.76
CA ILE C 187 -11.45 -35.01 7.49
C ILE C 187 -12.30 -35.26 8.72
N TYR C 188 -13.61 -35.44 8.55
CA TYR C 188 -14.52 -35.63 9.72
C TYR C 188 -15.34 -36.91 9.57
N GLN C 189 -15.79 -37.45 10.70
CA GLN C 189 -16.67 -38.65 10.73
C GLN C 189 -17.96 -38.25 11.42
N ILE C 190 -18.95 -37.79 10.64
CA ILE C 190 -20.24 -37.30 11.23
C ILE C 190 -20.98 -38.45 11.94
N THR C 191 -21.09 -39.62 11.31
CA THR C 191 -21.82 -40.74 11.94
C THR C 191 -21.05 -42.05 11.79
N HIS C 192 -20.87 -42.80 12.89
CA HIS C 192 -20.20 -44.12 12.82
C HIS C 192 -21.08 -45.16 13.53
N GLY C 193 -21.42 -46.26 12.85
CA GLY C 193 -22.22 -47.32 13.49
C GLY C 193 -21.38 -48.57 13.66
N LYS C 194 -21.14 -48.99 14.91
CA LYS C 194 -20.30 -50.18 15.23
C LYS C 194 -18.93 -50.03 14.56
N ALA C 195 -18.31 -48.83 14.66
CA ALA C 195 -17.02 -48.54 14.01
C ALA C 195 -15.90 -48.45 15.05
N GLU C 196 -16.10 -49.02 16.23
CA GLU C 196 -15.02 -48.96 17.25
C GLU C 196 -13.79 -49.68 16.70
N GLN C 197 -12.61 -49.08 16.85
CA GLN C 197 -11.33 -49.65 16.37
C GLN C 197 -11.45 -49.96 14.86
N ASP C 198 -11.98 -49.02 14.10
CA ASP C 198 -12.10 -49.16 12.62
C ASP C 198 -11.18 -48.15 11.95
N THR C 199 -10.42 -48.60 10.93
CA THR C 199 -9.42 -47.74 10.25
C THR C 199 -9.87 -47.34 8.85
N LEU C 200 -9.75 -46.04 8.52
CA LEU C 200 -10.07 -45.53 7.16
C LEU C 200 -8.75 -45.10 6.52
N VAL C 201 -8.40 -45.67 5.37
CA VAL C 201 -7.11 -45.34 4.68
C VAL C 201 -7.32 -44.14 3.77
N VAL C 202 -6.45 -43.13 3.88
CA VAL C 202 -6.55 -41.89 3.04
C VAL C 202 -5.25 -41.73 2.24
N SER C 203 -5.37 -41.46 0.94
CA SER C 203 -4.19 -41.29 0.05
C SER C 203 -4.32 -39.97 -0.71
N VAL C 204 -3.20 -39.39 -1.14
CA VAL C 204 -3.22 -38.09 -1.89
C VAL C 204 -2.51 -38.27 -3.23
N SER C 205 -3.14 -37.83 -4.32
CA SER C 205 -2.53 -37.95 -5.68
C SER C 205 -2.67 -36.62 -6.43
N ALA C 206 -1.81 -36.37 -7.41
CA ALA C 206 -1.86 -35.13 -8.21
C ALA C 206 -3.17 -35.08 -9.01
N GLY C 207 -3.80 -33.90 -9.08
CA GLY C 207 -5.06 -33.70 -9.82
C GLY C 207 -4.82 -33.54 -11.31
N LYS C 208 -5.89 -33.60 -12.11
CA LYS C 208 -5.77 -33.45 -13.58
C LYS C 208 -5.19 -32.07 -13.91
N ASP C 209 -5.65 -31.04 -13.21
CA ASP C 209 -5.17 -29.65 -13.44
C ASP C 209 -3.90 -29.35 -12.65
N PHE C 210 -3.47 -30.28 -11.78
CA PHE C 210 -2.26 -30.06 -10.94
C PHE C 210 -1.02 -29.95 -11.82
N GLU C 211 -0.13 -28.99 -11.50
CA GLU C 211 1.13 -28.79 -12.27
C GLU C 211 2.18 -28.15 -11.35
N LEU C 212 3.47 -28.26 -11.72
CA LEU C 212 4.58 -27.67 -10.92
C LEU C 212 5.52 -26.92 -11.87
N ARG C 213 6.30 -25.97 -11.35
CA ARG C 213 7.23 -25.18 -12.20
C ARG C 213 8.41 -24.67 -11.38
N LEU C 214 9.40 -24.07 -12.05
CA LEU C 214 10.62 -23.52 -11.40
C LEU C 214 11.30 -24.58 -10.54
N PRO C 215 11.62 -25.78 -11.08
CA PRO C 215 12.25 -26.84 -10.30
C PRO C 215 13.64 -26.45 -9.78
N ILE C 216 13.91 -26.79 -8.52
CA ILE C 216 15.22 -26.53 -7.82
C ILE C 216 15.64 -27.81 -7.09
N ASP C 217 16.88 -27.88 -6.61
CA ASP C 217 17.31 -29.12 -5.90
C ASP C 217 17.86 -28.77 -4.51
N PRO C 218 16.98 -28.39 -3.55
CA PRO C 218 17.39 -28.06 -2.19
C PRO C 218 17.63 -29.36 -1.40
N ARG C 219 18.38 -29.30 -0.30
CA ARG C 219 18.65 -30.51 0.51
C ARG C 219 17.30 -31.06 1.00
N ALA C 220 17.11 -32.37 0.92
CA ALA C 220 15.84 -33.01 1.35
C ALA C 220 16.02 -33.62 2.74
N SER D 15 9.96 -3.85 -30.03
CA SER D 15 10.48 -4.49 -28.83
C SER D 15 11.19 -3.48 -27.94
N GLY D 16 12.07 -3.99 -27.08
CA GLY D 16 12.79 -3.14 -26.16
C GLY D 16 14.07 -2.58 -26.72
N ASN D 17 15.17 -2.75 -26.00
CA ASN D 17 16.46 -2.23 -26.42
C ASN D 17 17.26 -3.21 -27.26
N THR D 18 16.68 -4.35 -27.65
CA THR D 18 17.40 -5.27 -28.53
C THR D 18 17.51 -4.66 -29.92
N GLY D 19 18.67 -4.83 -30.53
CA GLY D 19 18.91 -4.25 -31.85
C GLY D 19 19.65 -5.16 -32.79
N SER D 20 20.08 -6.32 -32.30
CA SER D 20 20.84 -7.25 -33.12
C SER D 20 19.93 -7.83 -34.21
N ILE D 21 20.33 -7.66 -35.46
CA ILE D 21 19.52 -8.16 -36.60
C ILE D 21 19.99 -9.58 -36.85
N ILE D 22 19.44 -10.49 -36.04
CA ILE D 22 19.65 -11.93 -36.19
C ILE D 22 18.65 -12.61 -35.30
N ASN D 23 18.11 -13.74 -35.74
CA ASN D 23 17.25 -14.52 -34.86
C ASN D 23 18.02 -14.89 -33.61
N ASN D 24 17.38 -14.73 -32.45
CA ASN D 24 18.02 -15.02 -31.18
C ASN D 24 18.51 -16.46 -31.17
N TYR D 25 19.74 -16.68 -30.69
CA TYR D 25 20.30 -18.01 -30.74
C TYR D 25 19.47 -19.02 -29.98
N TYR D 26 19.06 -18.72 -28.75
CA TYR D 26 18.26 -19.61 -27.96
C TYR D 26 16.79 -19.42 -28.28
N MET D 27 16.01 -20.47 -28.11
CA MET D 27 14.58 -20.39 -28.34
C MET D 27 13.96 -19.38 -27.37
N GLN D 28 12.74 -18.95 -27.70
CA GLN D 28 12.05 -18.03 -26.81
C GLN D 28 11.82 -18.64 -25.44
N GLN D 29 11.46 -19.93 -25.39
CA GLN D 29 11.16 -20.56 -24.11
C GLN D 29 12.34 -20.48 -23.15
N TYR D 30 13.56 -20.51 -23.67
CA TYR D 30 14.72 -20.47 -22.79
C TYR D 30 15.25 -19.06 -22.59
N GLN D 31 15.15 -18.21 -23.62
CA GLN D 31 15.55 -16.83 -23.44
C GLN D 31 14.67 -15.99 -22.52
N ASN D 32 13.36 -16.06 -22.73
CA ASN D 32 12.42 -15.29 -21.94
C ASN D 32 11.47 -16.29 -21.32
N SER D 33 10.67 -15.80 -20.39
CA SER D 33 9.58 -16.58 -19.85
C SER D 33 8.38 -16.44 -20.77
N MET D 34 7.97 -17.52 -21.42
CA MET D 34 6.80 -17.47 -22.29
C MET D 34 5.62 -16.90 -21.52
N ASP D 35 4.69 -16.30 -22.25
CA ASP D 35 3.58 -15.57 -21.65
C ASP D 35 2.28 -16.23 -22.05
N THR D 36 1.35 -16.35 -21.09
CA THR D 36 0.04 -16.92 -21.35
C THR D 36 -1.02 -15.84 -21.42
N GLN D 37 -2.23 -16.25 -21.81
CA GLN D 37 -3.32 -15.32 -22.00
C GLN D 37 -4.60 -15.93 -21.44
N LEU D 38 -5.69 -15.16 -21.49
CA LEU D 38 -6.98 -15.62 -20.96
C LEU D 38 -8.06 -15.36 -22.02
N GLY D 39 -8.38 -16.38 -22.80
CA GLY D 39 -9.42 -16.27 -23.80
C GLY D 39 -10.76 -16.75 -23.29
N ASN D 65 -5.53 -2.48 -25.76
CA ASN D 65 -5.15 -2.12 -24.40
C ASN D 65 -4.34 -0.81 -24.37
N ASP D 66 -3.30 -0.78 -23.54
CA ASP D 66 -2.47 0.39 -23.34
C ASP D 66 -3.33 1.58 -22.90
N TRP D 67 -3.93 1.44 -21.73
CA TRP D 67 -5.00 2.35 -21.33
C TRP D 67 -4.56 3.79 -21.36
N PHE D 68 -3.31 4.07 -21.03
CA PHE D 68 -2.92 5.48 -20.97
C PHE D 68 -2.64 6.03 -22.36
N SER D 69 -2.24 5.18 -23.30
CA SER D 69 -2.22 5.64 -24.69
C SER D 69 -3.63 5.89 -25.18
N LYS D 70 -4.57 5.01 -24.85
CA LYS D 70 -5.97 5.25 -25.20
C LYS D 70 -6.45 6.58 -24.64
N LEU D 71 -6.09 6.86 -23.39
CA LEU D 71 -6.45 8.12 -22.75
C LEU D 71 -5.86 9.30 -23.51
N ALA D 72 -4.53 9.33 -23.63
CA ALA D 72 -3.86 10.47 -24.24
C ALA D 72 -4.27 10.66 -25.70
N SER D 73 -4.76 9.60 -26.35
CA SER D 73 -5.22 9.75 -27.72
C SER D 73 -6.65 10.28 -27.77
N SER D 74 -7.51 9.82 -26.86
CA SER D 74 -8.88 10.32 -26.80
C SER D 74 -8.58 11.52 -25.90
N ALA D 75 -8.35 12.67 -26.53
CA ALA D 75 -7.88 13.85 -25.82
C ALA D 75 -8.56 14.98 -26.57
N PHE D 76 -9.46 15.69 -25.91
CA PHE D 76 -10.18 16.76 -26.57
C PHE D 76 -9.21 17.86 -26.97
N THR D 77 -9.10 18.09 -28.28
CA THR D 77 -8.20 19.08 -28.83
C THR D 77 -9.02 20.22 -29.43
N GLY D 78 -8.32 21.26 -29.88
CA GLY D 78 -8.97 22.38 -30.55
C GLY D 78 -9.78 23.23 -29.59
N LEU D 79 -10.51 24.17 -30.19
CA LEU D 79 -11.31 25.10 -29.40
C LEU D 79 -12.53 24.41 -28.81
N PHE D 80 -13.23 25.15 -27.95
CA PHE D 80 -14.49 24.70 -27.35
C PHE D 80 -15.67 25.55 -27.78
N GLY D 81 -15.43 26.77 -28.22
CA GLY D 81 -16.50 27.62 -28.71
C GLY D 81 -16.10 28.28 -30.01
N ALA D 82 -16.99 29.12 -30.52
CA ALA D 82 -16.76 29.76 -31.81
C ALA D 82 -15.47 30.57 -31.79
N LEU D 83 -14.67 30.43 -32.83
CA LEU D 83 -13.41 31.15 -32.97
C LEU D 83 -13.59 32.28 -33.98
N LEU D 84 -12.75 33.29 -33.87
CA LEU D 84 -12.79 34.42 -34.79
C LEU D 84 -11.41 34.85 -35.26
N VAL E 2 -0.34 15.91 33.81
CA VAL E 2 0.17 16.05 32.44
C VAL E 2 0.98 17.33 32.31
N GLN E 3 2.28 17.23 32.51
CA GLN E 3 3.18 18.37 32.47
C GLN E 3 4.27 18.11 31.43
N LEU E 4 4.73 19.17 30.79
CA LEU E 4 5.79 19.10 29.81
C LEU E 4 7.05 19.72 30.41
N ARG E 5 8.17 19.03 30.28
CA ARG E 5 9.45 19.51 30.77
C ARG E 5 10.44 19.49 29.63
N GLU E 6 11.10 20.63 29.40
CA GLU E 6 12.10 20.73 28.35
C GLU E 6 13.48 20.99 28.98
N SER E 7 14.49 20.41 28.36
CA SER E 7 15.88 20.54 28.80
C SER E 7 16.65 21.27 27.71
N GLY E 8 17.20 22.43 28.06
CA GLY E 8 17.94 23.23 27.12
C GLY E 8 19.38 23.46 27.55
N PRO E 9 20.27 23.61 26.58
CA PRO E 9 21.67 23.90 26.90
C PRO E 9 21.87 25.35 27.29
N SER E 10 23.12 25.68 27.58
CA SER E 10 23.54 27.04 27.87
C SER E 10 23.84 27.77 26.57
N LEU E 11 24.56 28.88 26.66
CA LEU E 11 24.97 29.62 25.49
C LEU E 11 25.51 28.56 24.53
N VAL E 12 25.03 28.60 23.30
CA VAL E 12 25.53 27.72 22.25
C VAL E 12 26.25 28.69 21.33
N LYS E 13 27.44 28.29 20.90
CA LYS E 13 28.22 29.17 20.05
C LYS E 13 27.51 29.36 18.72
N PRO E 14 27.59 30.56 18.15
CA PRO E 14 27.04 30.77 16.82
C PRO E 14 27.63 29.77 15.83
N SER E 15 26.82 29.43 14.83
CA SER E 15 27.18 28.44 13.83
C SER E 15 27.45 27.08 14.47
N GLN E 16 26.54 26.64 15.33
CA GLN E 16 26.51 25.30 15.86
C GLN E 16 25.05 24.85 15.89
N THR E 17 24.85 23.58 16.17
CA THR E 17 23.54 23.05 16.50
C THR E 17 23.19 23.00 17.98
N LEU E 18 21.94 22.67 18.25
CA LEU E 18 21.48 22.56 19.63
C LEU E 18 20.36 21.53 19.69
N SER E 19 20.35 20.77 20.78
CA SER E 19 19.35 19.74 20.98
C SER E 19 18.57 20.06 22.25
N LEU E 20 17.29 20.33 22.10
CA LEU E 20 16.37 20.49 23.22
C LEU E 20 15.46 19.28 23.28
N THR E 21 15.29 18.72 24.47
CA THR E 21 14.47 17.56 24.65
C THR E 21 13.29 17.90 25.56
N CYS E 22 12.08 17.65 25.05
CA CYS E 22 10.85 17.93 25.77
C CYS E 22 10.31 16.61 26.28
N THR E 23 10.29 16.45 27.61
CA THR E 23 9.95 15.19 28.24
C THR E 23 8.50 15.25 28.69
N VAL E 24 7.64 14.47 28.03
CA VAL E 24 6.23 14.44 28.41
C VAL E 24 6.07 13.66 29.70
N SER E 25 4.88 13.74 30.29
CA SER E 25 4.56 13.08 31.55
C SER E 25 3.09 12.69 31.55
N GLY E 26 2.80 11.45 31.95
CA GLY E 26 1.44 10.96 31.94
C GLY E 26 0.75 11.19 30.62
N PHE E 27 1.46 10.97 29.52
CA PHE E 27 1.08 11.46 28.20
C PHE E 27 1.28 10.36 27.18
N SER E 28 0.41 10.32 26.17
CA SER E 28 0.45 9.22 25.21
C SER E 28 1.64 9.33 24.28
N LEU E 29 1.73 10.43 23.52
CA LEU E 29 2.67 10.61 22.43
C LEU E 29 2.44 9.58 21.33
N SER E 30 1.41 8.75 21.49
CA SER E 30 0.96 7.86 20.44
C SER E 30 -0.43 8.23 19.93
N THR E 31 -1.17 9.03 20.69
CA THR E 31 -2.46 9.53 20.23
C THR E 31 -2.55 11.04 20.32
N TYR E 32 -1.49 11.70 20.78
CA TYR E 32 -1.43 13.14 20.87
C TYR E 32 -0.23 13.65 20.08
N ALA E 33 -0.11 14.97 19.97
CA ALA E 33 0.94 15.55 19.15
C ALA E 33 1.62 16.68 19.92
N VAL E 34 2.90 16.86 19.67
CA VAL E 34 3.69 17.86 20.38
C VAL E 34 4.23 18.85 19.34
N TYR E 35 4.12 20.14 19.65
CA TYR E 35 4.63 21.17 18.77
C TYR E 35 5.81 21.87 19.43
N TRP E 36 6.58 22.59 18.63
CA TRP E 36 7.73 23.33 19.11
C TRP E 36 7.59 24.80 18.72
N VAL E 37 7.41 25.66 19.70
CA VAL E 37 7.21 27.08 19.48
C VAL E 37 8.19 27.86 20.33
N ARG E 38 8.83 28.85 19.73
CA ARG E 38 9.82 29.67 20.41
C ARG E 38 9.39 31.12 20.32
N GLN E 39 9.87 31.94 21.24
CA GLN E 39 9.59 33.37 21.23
C GLN E 39 10.91 34.14 21.28
N ALA E 40 11.32 34.68 20.13
CA ALA E 40 12.45 35.59 20.14
C ALA E 40 12.06 36.87 20.87
N PRO E 41 12.89 37.31 21.83
CA PRO E 41 12.48 38.42 22.68
C PRO E 41 12.20 39.68 21.86
N GLY E 42 11.11 40.35 22.20
CA GLY E 42 10.68 41.50 21.42
C GLY E 42 10.08 41.12 20.09
N LYS E 43 9.59 39.90 19.96
CA LYS E 43 8.92 39.43 18.75
C LYS E 43 7.74 38.55 19.16
N ALA E 44 6.96 38.16 18.17
CA ALA E 44 5.87 37.22 18.42
C ALA E 44 6.38 35.79 18.38
N LEU E 45 5.63 34.89 19.01
CA LEU E 45 5.96 33.48 18.93
C LEU E 45 6.07 33.04 17.47
N GLU E 46 6.80 31.97 17.24
CA GLU E 46 7.06 31.47 15.90
C GLU E 46 7.04 29.96 15.91
N CYS E 47 6.10 29.37 15.19
CA CYS E 47 6.04 27.92 15.07
C CYS E 47 7.34 27.43 14.44
N LEU E 48 8.06 26.59 15.18
CA LEU E 48 9.21 25.89 14.61
C LEU E 48 8.81 24.63 13.85
N GLY E 49 8.14 23.71 14.52
CA GLY E 49 7.79 22.46 13.89
C GLY E 49 6.97 21.60 14.81
N SER E 50 6.23 20.69 14.21
CA SER E 50 5.30 19.84 14.94
C SER E 50 5.55 18.39 14.59
N VAL E 51 5.44 17.54 15.60
CA VAL E 51 5.50 16.11 15.41
C VAL E 51 4.16 15.51 15.81
N SER E 52 3.52 14.86 14.84
CA SER E 52 2.17 14.35 15.05
C SER E 52 2.19 13.12 15.93
N SER E 53 1.04 12.48 16.04
CA SER E 53 0.96 11.23 16.78
C SER E 53 1.62 10.09 16.03
N GLY E 54 1.30 9.92 14.76
CA GLY E 54 1.88 8.87 13.96
C GLY E 54 3.21 9.29 13.41
N ASP E 55 4.02 10.04 14.18
CA ASP E 55 5.39 10.39 13.84
C ASP E 55 5.53 11.04 12.47
N TYR E 56 4.56 11.86 12.07
CA TYR E 56 4.66 12.64 10.86
C TYR E 56 4.97 14.09 11.24
N LEU E 57 5.92 14.69 10.54
CA LEU E 57 6.53 15.93 10.97
C LEU E 57 6.10 17.09 10.07
N THR E 58 5.88 18.25 10.67
CA THR E 58 5.63 19.49 9.94
C THR E 58 6.59 20.54 10.46
N TYR E 59 7.13 21.36 9.56
CA TYR E 59 8.20 22.28 9.90
C TYR E 59 7.88 23.69 9.41
N ASN E 60 8.35 24.67 10.17
CA ASN E 60 8.25 26.05 9.73
C ASN E 60 8.90 26.20 8.36
N PRO E 61 8.19 26.73 7.37
CA PRO E 61 8.77 26.82 6.02
C PRO E 61 10.10 27.56 5.97
N ALA E 62 10.28 28.59 6.78
CA ALA E 62 11.55 29.31 6.77
C ALA E 62 12.64 28.54 7.51
N LEU E 63 12.35 28.08 8.73
CA LEU E 63 13.37 27.37 9.50
C LEU E 63 12.77 26.06 9.00
N LYS E 64 13.31 25.53 7.90
CA LYS E 64 13.01 24.15 7.54
C LYS E 64 14.43 24.07 7.01
N SER E 65 14.97 22.86 6.96
CA SER E 65 16.33 22.52 6.52
C SER E 65 17.36 22.97 7.54
N ARG E 66 16.96 23.74 8.55
CA ARG E 66 17.82 24.07 9.66
C ARG E 66 17.38 23.39 10.95
N LEU E 67 16.49 22.42 10.87
CA LEU E 67 15.71 21.98 12.01
C LEU E 67 15.32 20.53 11.82
N THR E 68 15.39 19.74 12.89
CA THR E 68 14.88 18.39 12.90
C THR E 68 14.15 18.13 14.20
N ILE E 69 13.15 17.24 14.13
CA ILE E 69 12.35 16.88 15.29
C ILE E 69 12.21 15.37 15.32
N THR E 70 12.55 14.75 16.43
CA THR E 70 12.46 13.31 16.60
C THR E 70 11.59 13.00 17.81
N LYS E 71 10.77 11.96 17.69
CA LYS E 71 9.85 11.56 18.74
C LYS E 71 10.06 10.08 19.01
N ASP E 72 10.07 9.71 20.29
CA ASP E 72 10.09 8.31 20.69
C ASP E 72 9.00 8.09 21.73
N ASN E 73 7.97 7.35 21.35
CA ASN E 73 6.80 7.20 22.21
C ASN E 73 7.12 6.37 23.45
N SER E 74 7.90 5.30 23.31
CA SER E 74 8.19 4.45 24.45
C SER E 74 9.01 5.18 25.51
N LYS E 75 10.14 5.77 25.10
CA LYS E 75 10.88 6.64 26.00
C LYS E 75 10.12 7.92 26.32
N SER E 76 9.07 8.23 25.56
CA SER E 76 8.13 9.31 25.87
C SER E 76 8.84 10.65 25.99
N GLU E 77 9.65 10.98 25.00
CA GLU E 77 10.35 12.26 24.96
C GLU E 77 10.45 12.73 23.52
N VAL E 78 10.23 14.03 23.32
CA VAL E 78 10.35 14.66 22.01
C VAL E 78 11.64 15.46 21.97
N SER E 79 12.29 15.48 20.82
CA SER E 79 13.58 16.12 20.66
C SER E 79 13.53 17.14 19.54
N LEU E 80 14.30 18.21 19.68
CA LEU E 80 14.41 19.25 18.67
C LEU E 80 15.88 19.53 18.45
N SER E 81 16.30 19.58 17.18
CA SER E 81 17.69 19.84 16.83
C SER E 81 17.74 20.93 15.77
N VAL E 82 18.05 22.15 16.20
CA VAL E 82 18.19 23.29 15.31
C VAL E 82 19.64 23.37 14.88
N SER E 83 19.91 23.11 13.61
CA SER E 83 21.25 23.20 13.07
C SER E 83 21.50 24.62 12.56
N THR E 84 22.79 24.97 12.49
CA THR E 84 23.22 26.30 12.05
C THR E 84 22.60 27.38 12.93
N VAL E 85 23.01 27.40 14.20
CA VAL E 85 22.47 28.39 15.12
C VAL E 85 23.14 29.73 14.85
N THR E 86 22.34 30.79 14.93
CA THR E 86 22.83 32.14 14.71
C THR E 86 22.43 33.01 15.90
N PRO E 87 23.01 34.20 16.06
CA PRO E 87 22.56 35.09 17.15
C PRO E 87 21.11 35.47 17.07
N GLU E 88 20.48 35.35 15.89
CA GLU E 88 19.06 35.62 15.77
C GLU E 88 18.20 34.55 16.42
N ASP E 89 18.71 33.34 16.58
CA ASP E 89 17.92 32.24 17.12
C ASP E 89 17.90 32.21 18.63
N THR E 90 18.46 33.21 19.31
CA THR E 90 18.34 33.26 20.76
C THR E 90 16.90 33.52 21.14
N ALA E 91 16.33 32.64 21.98
CA ALA E 91 14.93 32.75 22.37
C ALA E 91 14.65 31.73 23.45
N THR E 92 13.45 31.82 24.02
CA THR E 92 12.94 30.78 24.91
C THR E 92 12.09 29.83 24.09
N TYR E 93 12.33 28.53 24.25
CA TYR E 93 11.73 27.52 23.39
C TYR E 93 10.71 26.72 24.18
N TYR E 94 9.47 26.71 23.68
CA TYR E 94 8.37 26.01 24.32
C TYR E 94 8.05 24.74 23.55
N CYS E 95 7.54 23.74 24.25
CA CYS E 95 6.88 22.62 23.61
C CYS E 95 5.45 22.53 24.12
N ALA E 96 4.54 22.15 23.22
CA ALA E 96 3.12 22.19 23.53
C ALA E 96 2.52 20.81 23.34
N LYS E 97 1.25 20.67 23.71
CA LYS E 97 0.46 19.48 23.48
C LYS E 97 -0.65 19.81 22.52
N SER E 98 -1.06 18.83 21.72
CA SER E 98 -2.30 18.97 20.99
C SER E 98 -3.44 18.39 21.79
N HIS E 99 -4.65 18.63 21.33
CA HIS E 99 -5.79 17.92 21.87
C HIS E 99 -6.17 16.72 21.01
N SER E 100 -5.54 16.57 19.85
CA SER E 100 -5.81 15.43 18.98
C SER E 100 -4.50 14.98 18.33
N SER E 101 -4.61 13.89 17.57
CA SER E 101 -3.43 13.33 16.92
C SER E 101 -2.69 14.33 16.04
N GLY E 102 -3.42 15.28 15.47
CA GLY E 102 -2.84 16.13 14.45
C GLY E 102 -2.71 15.37 13.16
N TYR E 103 -2.47 16.10 12.08
CA TYR E 103 -2.44 15.49 10.77
C TYR E 103 -1.34 14.45 10.67
N ASN E 104 -1.71 13.24 10.27
CA ASN E 104 -0.74 12.18 10.05
C ASN E 104 -0.64 12.29 8.53
N GLY E 105 0.09 13.26 8.02
CA GLY E 105 0.31 13.35 6.60
C GLY E 105 1.63 14.08 6.66
N TRP E 106 2.10 14.51 5.49
CA TRP E 106 3.35 15.25 5.45
C TRP E 106 2.75 16.45 4.74
N ILE E 107 2.33 17.46 5.51
CA ILE E 107 1.33 18.46 5.13
C ILE E 107 2.28 19.58 4.72
N ASP E 108 3.36 19.80 5.46
CA ASP E 108 4.30 20.90 5.22
C ASP E 108 3.99 22.30 5.74
N PHE E 109 3.03 22.43 6.65
CA PHE E 109 2.61 23.70 7.21
C PHE E 109 3.27 24.03 8.53
N GLY E 110 2.95 25.20 9.10
CA GLY E 110 3.59 25.57 10.34
C GLY E 110 2.68 24.88 11.33
N CYS E 111 3.22 23.88 12.00
CA CYS E 111 2.60 23.15 13.11
C CYS E 111 1.51 22.34 12.43
N TYR E 112 0.64 23.02 11.70
CA TYR E 112 -0.52 22.51 10.97
C TYR E 112 -1.73 22.30 11.85
N GLU E 113 -1.58 22.24 13.16
CA GLU E 113 -2.72 21.90 13.95
C GLU E 113 -2.95 22.86 15.08
N PHE E 114 -2.00 23.77 15.25
CA PHE E 114 -2.05 24.63 16.40
C PHE E 114 -3.40 25.26 16.80
N THR E 115 -4.20 25.65 15.81
CA THR E 115 -5.48 26.28 16.08
C THR E 115 -6.26 25.82 14.86
N GLY E 116 -6.44 24.51 14.72
CA GLY E 116 -7.13 24.04 13.53
C GLY E 116 -8.63 24.18 13.49
N TYR E 117 -9.33 23.42 14.32
CA TYR E 117 -10.76 23.25 14.20
C TYR E 117 -11.33 23.00 15.59
N GLY E 118 -12.55 22.41 15.63
CA GLY E 118 -13.18 22.06 16.88
C GLY E 118 -12.34 21.24 17.83
N PRO E 119 -11.94 19.91 17.40
CA PRO E 119 -11.07 18.57 17.98
C PRO E 119 -9.66 18.90 18.48
N ARG E 120 -8.85 19.54 17.62
CA ARG E 120 -7.45 19.86 17.99
C ARG E 120 -7.23 21.36 18.12
N TYR E 121 -6.80 21.81 19.30
CA TYR E 121 -6.49 23.25 19.54
C TYR E 121 -5.08 23.36 20.13
N VAL E 122 -4.95 23.20 21.45
CA VAL E 122 -3.63 23.24 22.15
C VAL E 122 -3.80 22.60 23.53
N ASP E 123 -2.68 22.26 24.18
CA ASP E 123 -2.70 21.63 25.54
C ASP E 123 -1.60 22.25 26.40
N ALA E 124 -1.70 22.06 27.71
CA ALA E 124 -0.73 22.60 28.71
C ALA E 124 0.64 22.49 28.06
N TRP E 125 1.36 23.62 27.97
CA TRP E 125 2.71 23.68 27.44
C TRP E 125 3.63 22.91 28.38
N VAL F 5 0.79 40.58 11.12
CA VAL F 5 0.98 39.23 11.73
C VAL F 5 0.26 39.20 13.09
N LEU F 6 -1.08 39.25 13.06
CA LEU F 6 -1.91 39.21 14.29
C LEU F 6 -1.44 40.28 15.27
N THR F 7 -1.26 41.52 14.79
CA THR F 7 -0.79 42.64 15.66
C THR F 7 -1.83 42.88 16.75
N GLN F 8 -1.37 43.12 17.99
CA GLN F 8 -2.25 43.37 19.16
C GLN F 8 -1.71 44.59 19.91
N PRO F 9 -2.51 45.27 20.76
CA PRO F 9 -2.03 46.44 21.49
C PRO F 9 -0.90 45.98 22.42
N SER F 10 0.18 46.77 22.51
CA SER F 10 1.34 46.38 23.36
C SER F 10 0.93 46.29 24.82
N SER F 11 0.17 47.26 25.33
CA SER F 11 -0.26 47.24 26.74
C SER F 11 -1.76 47.54 26.87
N VAL F 12 -2.49 46.70 27.61
CA VAL F 12 -3.94 46.92 27.85
C VAL F 12 -4.15 47.00 29.37
N SER F 13 -4.78 48.08 29.85
CA SER F 13 -5.01 48.24 31.32
C SER F 13 -6.51 48.29 31.60
N GLY F 14 -7.00 47.41 32.48
CA GLY F 14 -8.42 47.37 32.86
C GLY F 14 -8.58 47.45 34.37
N SER F 15 -9.45 48.34 34.85
CA SER F 15 -9.67 48.47 36.32
C SER F 15 -10.27 47.16 36.83
N LEU F 16 -9.85 46.71 38.02
CA LEU F 16 -10.34 45.43 38.59
C LEU F 16 -11.86 45.53 38.79
N GLY F 17 -12.58 44.46 38.45
CA GLY F 17 -14.05 44.42 38.57
C GLY F 17 -14.75 45.00 37.36
N GLN F 18 -13.98 45.40 36.34
CA GLN F 18 -14.55 45.99 35.09
C GLN F 18 -14.18 45.08 33.91
N ARG F 19 -15.15 44.77 33.05
CA ARG F 19 -14.89 43.90 31.87
C ARG F 19 -13.84 44.56 30.97
N VAL F 20 -12.85 43.79 30.53
CA VAL F 20 -11.75 44.30 29.66
C VAL F 20 -11.71 43.45 28.39
N SER F 21 -11.65 44.09 27.21
CA SER F 21 -11.61 43.35 25.93
C SER F 21 -10.26 43.56 25.23
N ILE F 22 -9.61 42.46 24.84
CA ILE F 22 -8.29 42.49 24.13
C ILE F 22 -8.59 42.19 22.65
N THR F 23 -8.12 43.05 21.74
CA THR F 23 -8.40 42.86 20.30
C THR F 23 -7.15 42.42 19.55
N CYS F 24 -7.23 41.29 18.83
CA CYS F 24 -6.11 40.78 18.00
C CYS F 24 -6.47 41.10 16.55
N SER F 25 -5.71 41.99 15.91
CA SER F 25 -5.97 42.39 14.50
C SER F 25 -5.24 41.44 13.55
N GLY F 26 -5.99 40.78 12.67
CA GLY F 26 -5.40 39.83 11.70
C GLY F 26 -5.91 40.06 10.30
N SER F 27 -5.13 39.62 9.30
CA SER F 27 -5.50 39.77 7.87
C SER F 27 -6.49 38.68 7.45
N SER F 28 -7.05 38.81 6.24
CA SER F 28 -8.03 37.83 5.69
C SER F 28 -7.37 36.45 5.55
N SER F 29 -6.10 36.41 5.18
CA SER F 29 -5.35 35.14 4.99
C SER F 29 -5.30 34.33 6.29
N ASN F 30 -5.13 34.98 7.45
CA ASN F 30 -5.00 34.21 8.72
C ASN F 30 -6.28 34.27 9.58
N VAL F 31 -6.49 35.36 10.32
CA VAL F 31 -7.65 35.47 11.24
C VAL F 31 -8.97 35.43 10.45
N GLY F 32 -9.03 36.16 9.33
CA GLY F 32 -10.23 36.24 8.49
C GLY F 32 -10.57 34.96 7.76
N LEU F 33 -9.58 34.08 7.57
CA LEU F 33 -9.77 32.82 6.80
C LEU F 33 -10.85 31.95 7.44
N GLY F 34 -10.84 31.80 8.75
CA GLY F 34 -11.85 30.96 9.42
C GLY F 34 -11.97 31.26 10.89
N ASN F 35 -13.03 30.75 11.54
CA ASN F 35 -13.22 30.95 13.00
C ASN F 35 -12.47 29.86 13.76
N TYR F 36 -11.13 29.90 13.70
CA TYR F 36 -10.24 28.91 14.37
C TYR F 36 -9.10 29.68 15.05
N VAL F 37 -9.44 30.55 15.98
CA VAL F 37 -8.40 31.39 16.68
C VAL F 37 -8.20 30.83 18.09
N SER F 38 -6.93 30.67 18.51
CA SER F 38 -6.65 30.16 19.88
C SER F 38 -6.01 31.30 20.70
N TRP F 39 -6.56 31.55 21.89
CA TRP F 39 -6.04 32.63 22.78
C TRP F 39 -5.24 32.01 23.92
N PHE F 40 -3.98 32.45 24.09
CA PHE F 40 -3.12 31.89 25.15
C PHE F 40 -2.72 33.00 26.15
N GLN F 41 -2.91 32.73 27.44
CA GLN F 41 -2.51 33.68 28.50
C GLN F 41 -1.23 33.14 29.14
N GLN F 42 -0.14 33.92 29.10
CA GLN F 42 1.14 33.43 29.67
C GLN F 42 1.56 34.31 30.85
N ILE F 43 1.78 33.70 32.01
CA ILE F 43 2.27 34.43 33.21
C ILE F 43 3.79 34.46 33.10
N PRO F 44 4.47 35.61 33.33
CA PRO F 44 5.93 35.67 33.18
C PRO F 44 6.61 34.64 34.08
N GLY F 45 7.59 33.92 33.52
CA GLY F 45 8.35 32.88 34.26
C GLY F 45 7.62 31.55 34.30
N SER F 46 6.48 31.43 33.60
CA SER F 46 5.70 30.16 33.59
C SER F 46 5.15 29.86 32.19
N ALA F 47 4.84 28.59 31.93
CA ALA F 47 4.29 28.15 30.63
C ALA F 47 2.90 28.77 30.40
N PRO F 48 2.57 29.22 29.17
CA PRO F 48 1.27 29.83 28.86
C PRO F 48 0.10 28.83 28.90
N ARG F 49 -1.11 29.33 29.16
CA ARG F 49 -2.35 28.52 29.23
C ARG F 49 -3.27 28.91 28.07
N THR F 50 -3.91 27.93 27.43
CA THR F 50 -4.83 28.23 26.30
C THR F 50 -6.21 28.57 26.86
N LEU F 51 -6.48 29.86 27.06
CA LEU F 51 -7.79 30.30 27.63
C LEU F 51 -8.94 30.00 26.66
N ILE F 52 -8.75 30.30 25.37
CA ILE F 52 -9.83 30.09 24.35
C ILE F 52 -9.29 29.27 23.19
N TYR F 53 -9.99 28.20 22.80
CA TYR F 53 -9.57 27.36 21.65
C TYR F 53 -10.71 27.34 20.62
N GLY F 54 -10.38 27.65 19.36
CA GLY F 54 -11.37 27.66 18.26
C GLY F 54 -12.07 28.99 18.10
N ALA F 55 -11.81 29.94 19.01
CA ALA F 55 -12.29 31.35 19.05
C ALA F 55 -13.75 31.50 19.48
N THR F 56 -14.45 30.41 19.80
CA THR F 56 -15.85 30.52 20.27
C THR F 56 -16.07 29.66 21.52
N ASN F 57 -15.09 28.80 21.86
CA ASN F 57 -15.27 27.87 23.01
C ASN F 57 -14.14 28.07 24.03
N GLN F 58 -14.51 28.24 25.31
CA GLN F 58 -13.50 28.34 26.39
C GLN F 58 -12.91 26.93 26.59
N ALA F 59 -11.59 26.83 26.78
CA ALA F 59 -10.94 25.52 26.98
C ALA F 59 -11.28 24.95 28.36
N SER F 60 -11.24 23.63 28.51
CA SER F 60 -11.56 22.98 29.81
C SER F 60 -10.53 23.43 30.86
N GLY F 61 -10.99 23.68 32.10
CA GLY F 61 -10.10 24.12 33.18
C GLY F 61 -9.84 25.62 33.14
N VAL F 62 -10.59 26.34 32.30
CA VAL F 62 -10.42 27.82 32.18
C VAL F 62 -11.64 28.51 32.80
N PRO F 63 -11.49 29.71 33.40
CA PRO F 63 -12.61 30.43 34.00
C PRO F 63 -13.64 30.83 32.93
N ASP F 64 -14.93 30.84 33.30
CA ASP F 64 -16.06 31.19 32.40
C ASP F 64 -16.13 32.69 32.12
N ARG F 65 -15.42 33.52 32.90
CA ARG F 65 -15.44 35.00 32.72
C ARG F 65 -14.91 35.34 31.32
N PHE F 66 -13.86 34.66 30.87
CA PHE F 66 -13.28 34.94 29.53
C PHE F 66 -14.33 34.60 28.47
N SER F 67 -14.51 35.54 27.52
CA SER F 67 -15.46 35.36 26.39
C SER F 67 -14.70 35.58 25.08
N GLY F 68 -14.83 34.65 24.13
CA GLY F 68 -14.12 34.77 22.85
C GLY F 68 -15.05 34.85 21.66
N SER F 69 -14.83 35.86 20.80
CA SER F 69 -15.63 36.02 19.56
C SER F 69 -14.74 36.60 18.45
N ARG F 70 -14.99 36.25 17.19
CA ARG F 70 -14.17 36.81 16.08
C ARG F 70 -15.11 37.40 15.02
N SER F 71 -14.88 38.67 14.65
CA SER F 71 -15.73 39.34 13.63
C SER F 71 -14.85 39.81 12.46
N GLY F 72 -15.17 39.40 11.23
CA GLY F 72 -14.36 39.82 10.08
C GLY F 72 -12.92 39.36 10.21
N ASN F 73 -11.98 40.28 10.05
CA ASN F 73 -10.52 39.96 10.12
C ASN F 73 -9.97 40.23 11.53
N THR F 74 -10.81 40.60 12.49
CA THR F 74 -10.31 40.90 13.86
C THR F 74 -10.87 39.92 14.90
N ALA F 75 -10.00 39.34 15.72
CA ALA F 75 -10.43 38.40 16.79
C ALA F 75 -10.26 39.11 18.13
N THR F 76 -11.34 39.19 18.93
CA THR F 76 -11.27 39.92 20.22
C THR F 76 -11.53 38.97 21.41
N LEU F 77 -10.64 39.01 22.41
CA LEU F 77 -10.81 38.18 23.63
C LEU F 77 -11.33 39.12 24.72
N THR F 78 -12.48 38.80 25.31
CA THR F 78 -13.09 39.68 26.35
C THR F 78 -13.04 39.01 27.72
N ILE F 79 -12.51 39.74 28.71
CA ILE F 79 -12.43 39.22 30.11
C ILE F 79 -13.39 40.06 30.96
N SER F 80 -14.30 39.39 31.68
CA SER F 80 -15.31 40.08 32.52
C SER F 80 -14.91 39.93 33.99
N SER F 81 -15.06 41.00 34.78
CA SER F 81 -14.69 40.98 36.22
C SER F 81 -13.24 40.51 36.36
N LEU F 82 -12.34 41.13 35.58
CA LEU F 82 -10.90 40.77 35.57
C LEU F 82 -10.33 40.93 36.98
N GLN F 83 -9.47 39.99 37.39
CA GLN F 83 -8.86 39.97 38.75
C GLN F 83 -7.35 40.20 38.61
N ALA F 84 -6.76 40.88 39.60
CA ALA F 84 -5.32 41.23 39.62
C ALA F 84 -4.47 39.95 39.58
N GLU F 85 -4.89 38.91 40.30
CA GLU F 85 -4.12 37.63 40.35
C GLU F 85 -4.05 36.99 38.96
N ASP F 86 -5.11 37.10 38.17
CA ASP F 86 -5.20 36.49 36.82
C ASP F 86 -4.47 37.33 35.76
N GLU F 87 -4.03 38.55 36.10
CA GLU F 87 -3.38 39.40 35.06
C GLU F 87 -2.13 38.69 34.54
N ALA F 88 -1.98 38.63 33.21
CA ALA F 88 -0.83 37.99 32.53
C ALA F 88 -0.79 38.43 31.06
N ASN F 89 0.28 38.11 30.34
CA ASN F 89 0.37 38.46 28.90
C ASN F 89 -0.61 37.60 28.10
N TYR F 90 -1.17 38.14 27.00
CA TYR F 90 -2.16 37.39 26.19
C TYR F 90 -1.69 37.29 24.73
N PHE F 91 -1.74 36.07 24.16
CA PHE F 91 -1.32 35.83 22.77
C PHE F 91 -2.48 35.28 21.95
N CYS F 92 -2.74 35.86 20.77
CA CYS F 92 -3.87 35.40 19.91
C CYS F 92 -3.34 34.46 18.83
N ALA F 93 -3.11 33.19 19.17
CA ALA F 93 -2.61 32.18 18.21
C ALA F 93 -3.64 31.99 17.10
N SER F 94 -3.20 32.05 15.83
CA SER F 94 -4.10 31.86 14.66
C SER F 94 -3.34 31.13 13.54
N PRO F 95 -4.01 30.61 12.50
CA PRO F 95 -3.35 29.91 11.40
C PRO F 95 -3.21 30.77 10.13
N ASP F 96 -1.97 31.00 9.67
CA ASP F 96 -1.71 31.79 8.44
C ASP F 96 -1.65 30.86 7.23
N SER F 97 -1.23 31.37 6.08
CA SER F 97 -1.11 30.51 4.88
C SER F 97 0.30 29.92 4.85
N SER F 98 0.39 28.59 4.99
CA SER F 98 1.62 27.74 4.99
C SER F 98 2.36 27.79 6.33
N GLN F 99 1.82 28.49 7.33
CA GLN F 99 2.48 28.56 8.66
C GLN F 99 1.48 29.02 9.72
N THR F 100 1.81 28.80 11.01
CA THR F 100 0.96 29.24 12.15
C THR F 100 1.55 30.55 12.70
N ILE F 101 0.73 31.59 12.84
CA ILE F 101 1.24 32.92 13.29
C ILE F 101 0.66 33.25 14.67
N PHE F 102 1.50 33.78 15.57
CA PHE F 102 1.02 34.15 16.94
C PHE F 102 1.11 35.67 17.11
N GLY F 103 0.09 36.26 17.73
CA GLY F 103 0.03 37.70 18.00
C GLY F 103 1.18 38.18 18.87
N SER F 104 1.73 39.36 18.56
CA SER F 104 2.86 40.03 19.27
C SER F 104 2.66 39.88 20.78
N GLY F 105 1.42 39.99 21.25
CA GLY F 105 1.08 39.85 22.68
C GLY F 105 0.69 41.18 23.31
N THR F 106 -0.19 41.12 24.31
CA THR F 106 -0.68 42.34 25.00
C THR F 106 -0.39 42.22 26.50
N THR F 107 0.27 43.23 27.07
CA THR F 107 0.57 43.23 28.52
C THR F 107 -0.70 43.67 29.26
N LEU F 108 -1.11 42.92 30.29
CA LEU F 108 -2.34 43.28 31.05
C LEU F 108 -1.95 43.83 32.42
N THR F 109 -2.41 45.04 32.74
CA THR F 109 -2.13 45.69 34.04
C THR F 109 -3.46 46.03 34.73
N VAL F 110 -3.59 45.68 36.01
CA VAL F 110 -4.84 45.96 36.77
C VAL F 110 -4.60 47.17 37.68
N LEU F 111 -5.45 48.20 37.55
CA LEU F 111 -5.33 49.44 38.37
C LEU F 111 -6.08 49.25 39.69
#